data_6G02
#
_entry.id   6G02
#
_cell.length_a   114.860
_cell.length_b   114.860
_cell.length_c   63.899
_cell.angle_alpha   90.00
_cell.angle_beta   90.00
_cell.angle_gamma   90.00
#
_symmetry.space_group_name_H-M   'P 4'
#
loop_
_entity.id
_entity.type
_entity.pdbx_description
1 polymer Neuraminidase
2 non-polymer 'CALCIUM ION'
3 non-polymer 6-[[(3~{R},4~{R},5~{S})-4-acetamido-5-azanyl-3-pentan-3-yloxy-cyclohexen-1-yl]-oxidanyl-phosphoryl]oxyhexylimino-azanylidene-azanium
4 non-polymer 2-acetamido-2-deoxy-beta-D-glucopyranose
5 non-polymer 1,2-ETHANEDIOL
6 water water
#
_entity_poly.entity_id   1
_entity_poly.type   'polypeptide(L)'
_entity_poly.pdbx_seq_one_letter_code
;SVKLAGNSSLCPVSGWAIYSKDNSVRIGSKGDVFVIREPFISCSPLECRTFFLTQGALLNDKHSNGTIKDRSPYRTLMSC
PIGEVPSPYNSRFESVAWSASACHDGINWLTIGISGPDNGAVAVLKYNGIITDTIKSWRNNILRTQESECACVNGSCFTV
MTDGPSNGQASYKIFRIEKGKIVKSVEMNAPNYHYEECSCYPDSSEITCVCRDNWHGSNRPWVSFNQNLEYQIGYICSGI
FGDNPRPNDKTGSCGPVSSNGANGVKGFSFKYGNGVWIGRTKSISSRNGFEMIWDPNGWTGTDNNFSIKQDIVGINEWSG
YSGSFVQHPELTGLDCIRPCFWVELIRGRPKENTIWTSGSSISFCGVNSDTVGWSWPDGAELPFTID
;
_entity_poly.pdbx_strand_id   A,B
#
# COMPACT_ATOMS: atom_id res chain seq x y z
N SER A 1 -30.64 2.72 -40.03
CA SER A 1 -29.88 3.02 -38.76
C SER A 1 -30.76 3.81 -37.79
N VAL A 2 -30.81 3.37 -36.54
CA VAL A 2 -31.59 4.00 -35.52
C VAL A 2 -30.72 4.13 -34.26
N LYS A 3 -30.84 5.26 -33.60
CA LYS A 3 -30.13 5.45 -32.32
C LYS A 3 -30.50 4.35 -31.26
N LEU A 4 -29.51 3.88 -30.51
CA LEU A 4 -29.76 2.97 -29.45
C LEU A 4 -30.55 3.70 -28.37
N ALA A 5 -31.58 3.02 -27.88
CA ALA A 5 -32.50 3.57 -26.84
C ALA A 5 -31.82 3.68 -25.51
N GLY A 6 -31.21 2.60 -25.05
CA GLY A 6 -30.60 2.58 -23.76
C GLY A 6 -31.53 2.80 -22.56
N ASN A 7 -32.82 2.46 -22.70
CA ASN A 7 -33.80 2.71 -21.67
C ASN A 7 -34.18 1.46 -20.86
N SER A 8 -33.80 0.27 -21.34
CA SER A 8 -34.11 -0.98 -20.61
C SER A 8 -33.08 -1.17 -19.53
N SER A 9 -33.38 -2.05 -18.59
CA SER A 9 -32.43 -2.31 -17.52
C SER A 9 -31.48 -3.46 -17.89
N LEU A 10 -30.46 -3.62 -17.08
CA LEU A 10 -29.50 -4.70 -17.23
C LEU A 10 -30.11 -6.07 -17.13
N CYS A 11 -29.70 -6.96 -18.02
CA CYS A 11 -30.22 -8.31 -17.97
C CYS A 11 -29.75 -8.94 -16.65
N PRO A 12 -30.60 -9.81 -16.06
CA PRO A 12 -30.23 -10.59 -14.90
C PRO A 12 -29.29 -11.69 -15.31
N VAL A 13 -28.19 -11.86 -14.57
CA VAL A 13 -27.20 -12.85 -14.89
C VAL A 13 -26.74 -13.69 -13.70
N SER A 14 -26.62 -14.99 -13.97
CA SER A 14 -26.21 -16.00 -12.97
C SER A 14 -24.73 -16.38 -13.13
N GLY A 15 -24.16 -16.11 -14.29
CA GLY A 15 -22.78 -16.46 -14.57
C GLY A 15 -22.35 -15.89 -15.91
N TRP A 16 -21.12 -16.21 -16.27
CA TRP A 16 -20.42 -15.53 -17.35
C TRP A 16 -19.95 -16.59 -18.29
N ALA A 17 -20.41 -16.47 -19.53
CA ALA A 17 -20.04 -17.44 -20.54
C ALA A 17 -18.87 -16.86 -21.35
N ILE A 18 -17.91 -17.68 -21.73
CA ILE A 18 -16.76 -17.13 -22.49
C ILE A 18 -17.16 -16.74 -23.92
N TYR A 19 -16.74 -15.53 -24.30
CA TYR A 19 -17.15 -14.87 -25.53
C TYR A 19 -16.01 -14.82 -26.57
N SER A 20 -14.81 -14.43 -26.14
CA SER A 20 -13.67 -14.37 -27.00
C SER A 20 -12.35 -14.60 -26.31
N LYS A 21 -11.37 -14.95 -27.12
CA LYS A 21 -9.98 -15.00 -26.71
C LYS A 21 -9.10 -14.83 -27.94
N ASP A 22 -8.14 -13.90 -27.89
CA ASP A 22 -7.37 -13.59 -29.11
C ASP A 22 -5.99 -14.29 -29.21
N ASN A 23 -5.42 -14.70 -28.09
CA ASN A 23 -4.08 -15.28 -28.08
C ASN A 23 -2.99 -14.39 -28.75
N SER A 24 -3.12 -13.08 -28.63
CA SER A 24 -2.26 -12.13 -29.35
C SER A 24 -0.78 -12.32 -29.15
N VAL A 25 -0.39 -12.55 -27.91
CA VAL A 25 1.04 -12.61 -27.59
C VAL A 25 1.65 -13.91 -28.11
N ARG A 26 0.97 -15.03 -27.86
CA ARG A 26 1.35 -16.33 -28.50
C ARG A 26 1.50 -16.24 -30.02
N ILE A 27 0.57 -15.58 -30.68
CA ILE A 27 0.63 -15.48 -32.15
C ILE A 27 1.72 -14.51 -32.58
N GLY A 28 1.86 -13.43 -31.84
CA GLY A 28 2.88 -12.42 -32.14
C GLY A 28 4.33 -12.83 -31.99
N SER A 29 4.58 -13.99 -31.37
CA SER A 29 5.90 -14.65 -31.40
C SER A 29 6.49 -14.79 -32.85
N LYS A 30 5.58 -15.02 -33.80
CA LYS A 30 5.92 -15.16 -35.22
CA LYS A 30 5.92 -15.15 -35.21
C LYS A 30 5.14 -14.18 -36.09
N GLY A 31 3.82 -14.08 -35.91
CA GLY A 31 3.02 -13.23 -36.75
C GLY A 31 3.27 -11.77 -36.48
N ASP A 32 2.70 -10.93 -37.34
CA ASP A 32 2.89 -9.49 -37.26
C ASP A 32 1.75 -8.92 -36.44
N VAL A 33 2.00 -8.77 -35.15
CA VAL A 33 1.00 -8.40 -34.17
C VAL A 33 1.50 -7.17 -33.45
N PHE A 34 0.65 -6.18 -33.36
CA PHE A 34 0.98 -4.98 -32.62
C PHE A 34 1.30 -5.24 -31.14
N VAL A 35 2.31 -4.52 -30.63
CA VAL A 35 2.48 -4.30 -29.20
C VAL A 35 1.34 -3.39 -28.77
N ILE A 36 0.51 -3.85 -27.84
CA ILE A 36 -0.65 -3.06 -27.37
C ILE A 36 -0.80 -3.06 -25.85
N ARG A 37 -1.52 -2.09 -25.32
CA ARG A 37 -2.06 -2.24 -23.99
C ARG A 37 -3.34 -1.45 -23.97
N GLU A 38 -4.00 -1.44 -22.84
CA GLU A 38 -5.27 -0.73 -22.71
C GLU A 38 -6.30 -1.16 -23.80
N PRO A 39 -6.50 -2.46 -23.99
CA PRO A 39 -7.53 -2.96 -24.93
C PRO A 39 -8.91 -2.76 -24.34
N PHE A 40 -9.93 -2.68 -25.19
CA PHE A 40 -11.29 -2.75 -24.72
C PHE A 40 -12.24 -3.14 -25.83
N ILE A 41 -13.43 -3.60 -25.47
CA ILE A 41 -14.38 -4.01 -26.50
C ILE A 41 -15.58 -3.06 -26.54
N SER A 42 -16.15 -2.89 -27.72
CA SER A 42 -17.36 -2.13 -27.86
C SER A 42 -18.07 -2.62 -29.10
N CYS A 43 -19.39 -2.53 -29.07
CA CYS A 43 -20.23 -3.10 -30.10
C CYS A 43 -21.09 -2.01 -30.76
N SER A 44 -21.30 -2.20 -32.05
CA SER A 44 -22.30 -1.47 -32.84
C SER A 44 -23.60 -2.28 -32.89
N PRO A 45 -24.63 -1.86 -33.64
CA PRO A 45 -25.77 -2.77 -33.68
C PRO A 45 -25.51 -3.98 -34.63
N LEU A 46 -24.35 -4.02 -35.26
CA LEU A 46 -23.94 -5.09 -36.16
C LEU A 46 -22.70 -5.92 -35.77
N GLU A 47 -21.72 -5.38 -35.04
CA GLU A 47 -20.56 -6.20 -34.66
C GLU A 47 -19.91 -5.70 -33.36
N CYS A 48 -19.07 -6.53 -32.75
CA CYS A 48 -18.21 -6.10 -31.68
C CYS A 48 -16.76 -6.01 -32.16
N ARG A 49 -16.08 -4.98 -31.66
CA ARG A 49 -14.71 -4.73 -32.03
C ARG A 49 -13.88 -4.65 -30.80
N THR A 50 -12.62 -5.00 -30.93
CA THR A 50 -11.60 -4.75 -29.95
C THR A 50 -10.89 -3.44 -30.37
N PHE A 51 -10.87 -2.44 -29.47
CA PHE A 51 -10.08 -1.22 -29.55
C PHE A 51 -8.83 -1.37 -28.67
N PHE A 52 -7.76 -0.67 -28.96
CA PHE A 52 -6.49 -0.85 -28.24
C PHE A 52 -5.55 0.27 -28.56
N LEU A 53 -4.60 0.52 -27.65
CA LEU A 53 -3.58 1.52 -27.88
C LEU A 53 -2.34 0.83 -28.31
N THR A 54 -1.96 0.99 -29.58
CA THR A 54 -0.73 0.41 -30.06
C THR A 54 0.44 1.24 -29.53
N GLN A 55 1.60 0.65 -29.65
CA GLN A 55 2.87 1.34 -29.41
C GLN A 55 3.60 1.66 -30.69
N GLY A 56 2.90 1.63 -31.85
CA GLY A 56 3.56 1.89 -33.12
C GLY A 56 4.68 0.91 -33.44
N ALA A 57 4.53 -0.35 -33.00
CA ALA A 57 5.56 -1.34 -33.07
C ALA A 57 4.94 -2.73 -33.05
N LEU A 58 5.67 -3.70 -33.58
CA LEU A 58 5.29 -5.09 -33.52
C LEU A 58 6.03 -5.92 -32.47
N LEU A 59 5.35 -6.96 -31.97
CA LEU A 59 6.00 -7.92 -31.09
C LEU A 59 7.18 -8.57 -31.77
N ASN A 60 8.21 -8.80 -30.96
CA ASN A 60 9.41 -9.48 -31.43
C ASN A 60 10.26 -8.63 -32.38
N ASP A 61 10.03 -7.33 -32.41
CA ASP A 61 10.84 -6.38 -33.19
C ASP A 61 11.48 -5.42 -32.22
N LYS A 62 12.64 -4.87 -32.60
CA LYS A 62 13.33 -3.93 -31.73
C LYS A 62 12.55 -2.73 -31.33
N HIS A 63 11.61 -2.28 -32.13
CA HIS A 63 10.83 -1.07 -31.72
C HIS A 63 9.86 -1.37 -30.56
N SER A 64 9.74 -2.63 -30.13
CA SER A 64 8.96 -2.93 -28.95
C SER A 64 9.74 -2.52 -27.69
N ASN A 65 11.01 -2.15 -27.87
CA ASN A 65 11.85 -1.78 -26.77
C ASN A 65 11.25 -0.60 -26.04
N GLY A 66 11.22 -0.65 -24.71
CA GLY A 66 10.83 0.55 -23.93
C GLY A 66 9.30 0.73 -23.81
N THR A 67 8.51 -0.25 -24.28
CA THR A 67 7.04 -0.14 -24.26
C THR A 67 6.34 -0.24 -22.90
N ILE A 68 7.11 -0.37 -21.80
CA ILE A 68 6.55 -0.07 -20.47
C ILE A 68 6.07 1.36 -20.41
N LYS A 69 6.63 2.24 -21.25
CA LYS A 69 6.30 3.67 -21.20
C LYS A 69 4.88 3.95 -21.68
N ASP A 70 4.15 4.76 -20.92
CA ASP A 70 2.72 4.99 -21.18
C ASP A 70 2.39 5.93 -22.34
N ARG A 71 3.14 7.01 -22.49
CA ARG A 71 2.73 8.10 -23.34
C ARG A 71 3.87 8.50 -24.29
N SER A 72 3.56 8.49 -25.57
CA SER A 72 4.52 8.84 -26.64
C SER A 72 3.71 9.32 -27.81
N PRO A 73 4.36 10.00 -28.73
CA PRO A 73 3.68 10.39 -29.98
C PRO A 73 3.44 9.25 -30.98
N TYR A 74 3.92 8.03 -30.69
CA TYR A 74 3.81 6.85 -31.60
C TYR A 74 2.52 6.09 -31.32
N ARG A 75 1.93 6.27 -30.14
CA ARG A 75 0.73 5.48 -29.77
C ARG A 75 -0.49 5.88 -30.57
N THR A 76 -1.21 4.87 -31.07
CA THR A 76 -2.44 5.08 -31.82
C THR A 76 -3.55 4.16 -31.31
N LEU A 77 -4.76 4.70 -31.32
CA LEU A 77 -5.97 3.95 -31.09
C LEU A 77 -6.34 3.31 -32.43
N MET A 78 -6.45 1.98 -32.41
CA MET A 78 -6.86 1.18 -33.59
C MET A 78 -7.89 0.17 -33.12
N SER A 79 -8.56 -0.51 -34.05
CA SER A 79 -9.54 -1.52 -33.70
C SER A 79 -9.49 -2.71 -34.68
N CYS A 80 -9.92 -3.88 -34.21
CA CYS A 80 -10.13 -5.01 -35.07
C CYS A 80 -11.34 -5.81 -34.60
N PRO A 81 -11.79 -6.77 -35.39
CA PRO A 81 -12.93 -7.59 -34.97
C PRO A 81 -12.61 -8.35 -33.71
N ILE A 82 -13.58 -8.53 -32.84
CA ILE A 82 -13.35 -9.22 -31.58
C ILE A 82 -12.79 -10.62 -31.78
N GLY A 83 -11.79 -10.95 -30.98
CA GLY A 83 -11.16 -12.24 -31.03
C GLY A 83 -10.04 -12.41 -32.04
N GLU A 84 -9.86 -11.45 -32.93
CA GLU A 84 -8.75 -11.49 -33.87
C GLU A 84 -7.55 -10.80 -33.26
N VAL A 85 -6.36 -11.23 -33.65
CA VAL A 85 -5.16 -10.60 -33.16
C VAL A 85 -5.04 -9.16 -33.79
N PRO A 86 -4.56 -8.20 -33.00
CA PRO A 86 -4.43 -6.85 -33.54
C PRO A 86 -3.20 -6.77 -34.47
N SER A 87 -3.40 -6.93 -35.80
CA SER A 87 -2.27 -6.76 -36.72
C SER A 87 -2.42 -5.56 -37.61
N PRO A 88 -1.30 -5.14 -38.22
CA PRO A 88 -1.45 -4.10 -39.24
C PRO A 88 -2.27 -4.52 -40.48
N TYR A 89 -2.55 -5.82 -40.62
CA TYR A 89 -3.28 -6.31 -41.78
C TYR A 89 -4.77 -6.46 -41.55
N ASN A 90 -5.23 -6.36 -40.32
CA ASN A 90 -6.64 -6.47 -40.03
C ASN A 90 -7.17 -5.30 -39.16
N SER A 91 -6.35 -4.30 -38.85
CA SER A 91 -6.76 -3.26 -37.90
C SER A 91 -7.11 -1.95 -38.59
N ARG A 92 -8.25 -1.40 -38.24
CA ARG A 92 -8.68 -0.07 -38.65
C ARG A 92 -8.00 1.00 -37.80
N PHE A 93 -7.52 2.06 -38.43
CA PHE A 93 -6.93 3.17 -37.71
C PHE A 93 -8.07 4.06 -37.16
N GLU A 94 -7.97 4.46 -35.91
CA GLU A 94 -9.01 5.31 -35.32
C GLU A 94 -8.50 6.71 -35.00
N SER A 95 -7.43 6.80 -34.20
CA SER A 95 -6.99 8.09 -33.72
C SER A 95 -5.54 8.04 -33.23
N VAL A 96 -4.82 9.16 -33.22
CA VAL A 96 -3.52 9.22 -32.52
C VAL A 96 -3.80 9.41 -31.03
N ALA A 97 -3.35 8.49 -30.19
CA ALA A 97 -3.83 8.46 -28.81
C ALA A 97 -2.94 7.65 -27.90
N TRP A 98 -2.72 8.19 -26.70
CA TRP A 98 -2.17 7.44 -25.56
C TRP A 98 -3.16 7.22 -24.41
N SER A 99 -4.42 7.65 -24.61
CA SER A 99 -5.58 7.39 -23.75
C SER A 99 -6.79 7.55 -24.61
N ALA A 100 -7.78 6.70 -24.41
CA ALA A 100 -8.90 6.63 -25.34
C ALA A 100 -10.20 6.11 -24.79
N SER A 101 -11.25 6.32 -25.59
CA SER A 101 -12.56 5.72 -25.40
C SER A 101 -13.25 5.64 -26.76
N ALA A 102 -14.28 4.81 -26.82
CA ALA A 102 -15.07 4.73 -28.05
C ALA A 102 -16.40 4.11 -27.76
N CYS A 103 -17.42 4.46 -28.58
CA CYS A 103 -18.74 3.83 -28.47
C CYS A 103 -19.59 4.15 -29.66
N HIS A 104 -20.59 3.35 -29.87
CA HIS A 104 -21.45 3.51 -31.03
C HIS A 104 -22.84 3.91 -30.60
N ASP A 105 -23.37 4.98 -31.19
CA ASP A 105 -24.66 5.52 -30.74
C ASP A 105 -25.86 4.84 -31.41
N GLY A 106 -25.59 3.84 -32.25
CA GLY A 106 -26.63 3.26 -33.10
C GLY A 106 -26.52 3.67 -34.56
N ILE A 107 -25.96 4.84 -34.83
CA ILE A 107 -25.77 5.34 -36.19
C ILE A 107 -24.30 5.27 -36.57
N ASN A 108 -23.42 5.89 -35.78
CA ASN A 108 -21.98 5.87 -36.06
C ASN A 108 -21.12 5.70 -34.83
N TRP A 109 -19.84 5.42 -35.06
CA TRP A 109 -18.84 5.30 -34.01
C TRP A 109 -18.40 6.68 -33.57
N LEU A 110 -18.30 6.87 -32.26
CA LEU A 110 -17.53 7.96 -31.69
C LEU A 110 -16.23 7.38 -31.22
N THR A 111 -15.11 8.06 -31.52
CA THR A 111 -13.86 7.70 -30.88
C THR A 111 -13.28 8.97 -30.27
N ILE A 112 -12.58 8.74 -29.17
CA ILE A 112 -11.92 9.77 -28.39
C ILE A 112 -10.47 9.36 -28.17
N GLY A 113 -9.55 10.15 -28.69
CA GLY A 113 -8.11 9.87 -28.64
C GLY A 113 -7.36 11.07 -28.09
N ILE A 114 -6.63 10.86 -27.02
CA ILE A 114 -5.89 11.94 -26.38
C ILE A 114 -4.42 11.80 -26.73
N SER A 115 -3.84 12.86 -27.24
CA SER A 115 -2.42 12.90 -27.51
C SER A 115 -1.88 14.29 -27.17
N GLY A 116 -0.59 14.51 -27.40
CA GLY A 116 0.03 15.80 -27.06
C GLY A 116 0.82 15.69 -25.78
N PRO A 117 1.41 16.82 -25.32
CA PRO A 117 2.26 16.85 -24.12
C PRO A 117 1.50 16.61 -22.81
N ASP A 118 2.21 16.15 -21.80
CA ASP A 118 1.58 15.95 -20.50
C ASP A 118 0.97 17.25 -19.95
N ASN A 119 1.53 18.39 -20.29
CA ASN A 119 1.09 19.66 -19.75
C ASN A 119 0.07 20.34 -20.63
N GLY A 120 -0.43 19.63 -21.66
CA GLY A 120 -1.38 20.26 -22.50
C GLY A 120 -2.04 19.35 -23.51
N ALA A 121 -2.42 18.18 -23.07
CA ALA A 121 -2.93 17.15 -23.97
C ALA A 121 -4.33 17.54 -24.50
N VAL A 122 -4.63 17.09 -25.71
CA VAL A 122 -5.87 17.41 -26.36
C VAL A 122 -6.58 16.10 -26.77
N ALA A 123 -7.83 15.97 -26.38
CA ALA A 123 -8.68 14.88 -26.85
C ALA A 123 -9.30 15.26 -28.16
N VAL A 124 -9.14 14.38 -29.16
CA VAL A 124 -9.74 14.57 -30.46
C VAL A 124 -10.90 13.63 -30.58
N LEU A 125 -12.08 14.19 -30.83
CA LEU A 125 -13.30 13.42 -30.94
C LEU A 125 -13.60 13.31 -32.39
N LYS A 126 -13.94 12.07 -32.81
CA LYS A 126 -14.35 11.77 -34.18
C LYS A 126 -15.68 11.05 -34.18
N TYR A 127 -16.49 11.36 -35.18
CA TYR A 127 -17.77 10.67 -35.37
C TYR A 127 -17.73 10.18 -36.80
N ASN A 128 -17.87 8.85 -36.98
CA ASN A 128 -17.67 8.24 -38.31
C ASN A 128 -16.29 8.59 -38.96
N GLY A 129 -15.28 8.70 -38.11
CA GLY A 129 -13.92 9.02 -38.53
C GLY A 129 -13.60 10.43 -38.93
N ILE A 130 -14.55 11.37 -38.81
CA ILE A 130 -14.34 12.80 -39.10
C ILE A 130 -14.21 13.53 -37.74
N ILE A 131 -13.24 14.44 -37.63
CA ILE A 131 -13.05 15.19 -36.37
C ILE A 131 -14.24 16.12 -36.21
N THR A 132 -14.85 16.02 -35.04
CA THR A 132 -16.05 16.74 -34.70
C THR A 132 -15.89 17.65 -33.47
N ASP A 133 -14.87 17.43 -32.65
CA ASP A 133 -14.60 18.32 -31.52
C ASP A 133 -13.21 18.01 -30.98
N THR A 134 -12.72 18.95 -30.19
CA THR A 134 -11.54 18.73 -29.34
C THR A 134 -11.84 19.28 -27.95
N ILE A 135 -11.16 18.72 -26.95
CA ILE A 135 -11.17 19.29 -25.60
C ILE A 135 -9.71 19.24 -25.13
N LYS A 136 -9.22 20.37 -24.63
CA LYS A 136 -7.86 20.49 -24.12
C LYS A 136 -7.82 20.40 -22.59
N SER A 137 -6.72 19.86 -22.09
CA SER A 137 -6.45 19.73 -20.67
C SER A 137 -6.77 21.05 -19.94
N TRP A 138 -7.53 20.96 -18.85
CA TRP A 138 -7.90 22.14 -18.07
C TRP A 138 -7.09 22.25 -16.77
N ARG A 139 -6.25 21.26 -16.52
CA ARG A 139 -5.41 21.26 -15.32
C ARG A 139 -3.95 21.05 -15.67
N ASN A 140 -3.67 20.95 -16.97
CA ASN A 140 -2.32 20.76 -17.49
C ASN A 140 -1.55 19.64 -16.80
N ASN A 141 -2.22 18.52 -16.56
CA ASN A 141 -1.53 17.39 -15.90
C ASN A 141 -2.11 16.06 -16.35
N ILE A 142 -1.76 15.69 -17.58
CA ILE A 142 -2.16 14.42 -18.17
C ILE A 142 -3.66 14.21 -18.27
N LEU A 143 -4.28 15.04 -19.08
CA LEU A 143 -5.69 14.81 -19.47
C LEU A 143 -5.84 13.36 -20.00
N ARG A 144 -6.81 12.64 -19.45
CA ARG A 144 -6.88 11.21 -19.66
C ARG A 144 -8.31 10.69 -19.48
N THR A 145 -8.60 9.51 -20.03
CA THR A 145 -9.99 9.01 -20.03
C THR A 145 -10.08 7.51 -19.73
N GLN A 146 -11.16 6.87 -20.18
CA GLN A 146 -11.62 5.61 -19.67
C GLN A 146 -10.75 4.42 -19.94
N GLU A 147 -10.19 4.34 -21.13
CA GLU A 147 -9.58 3.09 -21.62
C GLU A 147 -10.62 1.95 -21.70
N SER A 148 -11.87 2.33 -21.89
CA SER A 148 -12.96 1.41 -22.18
C SER A 148 -14.07 2.17 -22.82
N GLU A 149 -15.16 1.47 -23.13
CA GLU A 149 -16.17 2.10 -23.96
C GLU A 149 -16.93 3.18 -23.22
N CYS A 150 -17.30 4.23 -23.96
CA CYS A 150 -18.24 5.19 -23.50
C CYS A 150 -19.65 4.56 -23.58
N ALA A 151 -20.62 5.26 -23.08
CA ALA A 151 -22.00 4.71 -22.96
C ALA A 151 -22.98 5.63 -23.64
N CYS A 152 -23.91 5.03 -24.41
CA CYS A 152 -24.88 5.80 -25.18
C CYS A 152 -26.32 5.51 -24.78
N VAL A 153 -27.10 6.57 -24.76
CA VAL A 153 -28.56 6.54 -24.47
C VAL A 153 -29.23 7.59 -25.34
N ASN A 154 -30.18 7.16 -26.17
CA ASN A 154 -31.11 8.07 -26.84
C ASN A 154 -30.39 9.11 -27.69
N GLY A 155 -29.33 8.71 -28.42
CA GLY A 155 -28.61 9.58 -29.33
C GLY A 155 -27.50 10.42 -28.72
N SER A 156 -27.30 10.28 -27.41
CA SER A 156 -26.19 10.93 -26.71
C SER A 156 -25.20 9.91 -26.17
N CYS A 157 -23.92 10.21 -26.20
CA CYS A 157 -22.96 9.34 -25.57
C CYS A 157 -22.21 10.11 -24.47
N PHE A 158 -21.71 9.35 -23.50
CA PHE A 158 -21.22 9.92 -22.27
C PHE A 158 -19.88 9.33 -21.88
N THR A 159 -19.00 10.17 -21.32
CA THR A 159 -17.69 9.71 -20.86
C THR A 159 -17.25 10.56 -19.65
N VAL A 160 -16.17 10.11 -19.03
CA VAL A 160 -15.54 10.78 -17.91
C VAL A 160 -14.07 10.98 -18.28
N MET A 161 -13.53 12.14 -17.93
CA MET A 161 -12.12 12.43 -18.10
C MET A 161 -11.57 12.98 -16.81
N THR A 162 -10.28 12.74 -16.61
CA THR A 162 -9.58 13.20 -15.41
C THR A 162 -8.38 14.05 -15.81
N ASP A 163 -8.07 15.10 -15.03
CA ASP A 163 -6.86 15.89 -15.25
C ASP A 163 -6.35 16.30 -13.87
N GLY A 164 -5.05 16.09 -13.61
CA GLY A 164 -4.43 16.43 -12.32
C GLY A 164 -3.71 15.18 -11.81
N PRO A 165 -3.30 15.19 -10.55
CA PRO A 165 -2.51 14.13 -10.00
C PRO A 165 -3.19 12.76 -10.01
N SER A 166 -2.35 11.72 -10.16
CA SER A 166 -2.77 10.33 -10.00
C SER A 166 -2.50 9.76 -8.62
N ASN A 167 -1.97 10.60 -7.71
CA ASN A 167 -1.68 10.20 -6.34
C ASN A 167 -2.21 11.20 -5.30
N GLY A 168 -3.26 11.90 -5.65
CA GLY A 168 -3.85 12.93 -4.81
C GLY A 168 -5.08 13.45 -5.50
N GLN A 169 -5.69 14.48 -4.90
CA GLN A 169 -6.91 15.06 -5.46
C GLN A 169 -6.69 15.53 -6.89
N ALA A 170 -7.61 15.17 -7.77
CA ALA A 170 -7.61 15.66 -9.13
C ALA A 170 -8.99 16.22 -9.46
N SER A 171 -9.21 16.48 -10.75
CA SER A 171 -10.44 17.03 -11.27
C SER A 171 -11.03 16.07 -12.29
N TYR A 172 -12.35 15.89 -12.16
CA TYR A 172 -13.09 14.86 -12.90
C TYR A 172 -14.28 15.52 -13.57
N LYS A 173 -14.43 15.31 -14.88
CA LYS A 173 -15.49 15.87 -15.66
C LYS A 173 -16.28 14.80 -16.41
N ILE A 174 -17.58 15.02 -16.48
CA ILE A 174 -18.50 14.19 -17.24
C ILE A 174 -18.94 14.98 -18.44
N PHE A 175 -19.08 14.27 -19.56
CA PHE A 175 -19.35 14.90 -20.85
C PHE A 175 -20.53 14.20 -21.52
N ARG A 176 -21.39 15.02 -22.11
CA ARG A 176 -22.44 14.57 -23.02
C ARG A 176 -22.08 14.97 -24.43
N ILE A 177 -22.08 13.96 -25.33
CA ILE A 177 -21.60 14.07 -26.67
C ILE A 177 -22.69 13.64 -27.64
N GLU A 178 -22.97 14.49 -28.64
CA GLU A 178 -24.01 14.19 -29.65
C GLU A 178 -23.39 14.32 -31.01
N LYS A 179 -23.38 13.21 -31.75
CA LYS A 179 -22.69 13.16 -33.04
C LYS A 179 -21.27 13.70 -32.96
N GLY A 180 -20.53 13.23 -31.99
CA GLY A 180 -19.14 13.65 -31.77
C GLY A 180 -18.89 15.09 -31.28
N LYS A 181 -19.93 15.86 -31.03
CA LYS A 181 -19.83 17.21 -30.50
C LYS A 181 -20.15 17.25 -28.99
N ILE A 182 -19.33 17.96 -28.21
CA ILE A 182 -19.62 18.04 -26.79
C ILE A 182 -20.71 19.03 -26.66
N VAL A 183 -21.85 18.60 -26.13
CA VAL A 183 -22.99 19.51 -25.91
C VAL A 183 -23.21 19.96 -24.45
N LYS A 184 -22.62 19.27 -23.50
CA LYS A 184 -22.62 19.69 -22.11
C LYS A 184 -21.48 18.99 -21.38
N SER A 185 -20.90 19.65 -20.38
CA SER A 185 -19.98 19.02 -19.48
C SER A 185 -20.20 19.52 -18.06
N VAL A 186 -19.86 18.72 -17.07
CA VAL A 186 -19.89 19.15 -15.68
C VAL A 186 -18.68 18.65 -14.95
N GLU A 187 -18.13 19.50 -14.08
CA GLU A 187 -17.10 19.07 -13.16
C GLU A 187 -17.72 18.49 -11.92
N MET A 188 -17.33 17.25 -11.60
CA MET A 188 -17.85 16.61 -10.43
C MET A 188 -17.26 17.29 -9.18
N ASN A 189 -18.11 17.62 -8.23
CA ASN A 189 -17.64 18.10 -6.92
C ASN A 189 -17.43 16.89 -6.02
N ALA A 190 -16.21 16.38 -5.94
CA ALA A 190 -15.93 15.08 -5.30
C ALA A 190 -14.64 15.17 -4.50
N PRO A 191 -14.64 16.05 -3.48
CA PRO A 191 -13.46 16.21 -2.66
C PRO A 191 -13.22 14.90 -1.93
N ASN A 192 -11.97 14.48 -1.85
CA ASN A 192 -11.55 13.26 -1.21
C ASN A 192 -11.85 11.96 -1.99
N TYR A 193 -12.43 12.10 -3.20
CA TYR A 193 -12.63 10.98 -4.13
C TYR A 193 -11.51 11.03 -5.18
N HIS A 194 -11.24 9.86 -5.77
CA HIS A 194 -10.32 9.78 -6.90
C HIS A 194 -10.94 8.87 -7.96
N TYR A 195 -11.13 9.41 -9.16
CA TYR A 195 -11.69 8.71 -10.34
C TYR A 195 -10.64 8.59 -11.47
N GLU A 196 -10.29 7.35 -11.80
CA GLU A 196 -9.48 7.07 -12.97
C GLU A 196 -10.13 5.97 -13.80
N GLU A 197 -9.96 6.05 -15.12
CA GLU A 197 -10.22 4.90 -16.00
C GLU A 197 -11.58 4.24 -15.78
N CYS A 198 -12.62 5.06 -15.88
CA CYS A 198 -13.96 4.62 -15.56
C CYS A 198 -14.51 3.57 -16.56
N SER A 199 -15.22 2.56 -16.05
CA SER A 199 -16.00 1.61 -16.83
C SER A 199 -17.45 1.99 -16.66
N CYS A 200 -18.01 2.54 -17.74
CA CYS A 200 -19.33 3.18 -17.74
C CYS A 200 -20.24 2.38 -18.66
N TYR A 201 -21.47 2.14 -18.20
CA TYR A 201 -22.47 1.38 -18.93
C TYR A 201 -23.84 2.00 -18.74
N PRO A 202 -24.71 1.83 -19.76
CA PRO A 202 -26.05 2.39 -19.67
C PRO A 202 -26.97 1.41 -18.99
N ASP A 203 -27.98 1.92 -18.31
CA ASP A 203 -28.94 1.08 -17.58
C ASP A 203 -30.12 1.99 -17.28
N SER A 204 -31.30 1.67 -17.82
CA SER A 204 -32.54 2.43 -17.52
C SER A 204 -32.40 3.91 -17.76
N SER A 205 -31.83 4.27 -18.89
CA SER A 205 -31.63 5.64 -19.35
C SER A 205 -30.60 6.44 -18.57
N GLU A 206 -29.87 5.81 -17.67
CA GLU A 206 -28.85 6.49 -16.90
C GLU A 206 -27.53 5.77 -17.08
N ILE A 207 -26.44 6.43 -16.79
CA ILE A 207 -25.12 5.85 -16.91
C ILE A 207 -24.54 5.55 -15.52
N THR A 208 -23.96 4.38 -15.34
CA THR A 208 -23.24 4.05 -14.14
C THR A 208 -21.80 3.79 -14.46
N CYS A 209 -20.88 4.49 -13.76
CA CYS A 209 -19.46 4.31 -13.99
C CYS A 209 -18.81 3.80 -12.72
N VAL A 210 -18.05 2.71 -12.85
CA VAL A 210 -17.22 2.19 -11.77
C VAL A 210 -15.76 2.39 -12.18
N CYS A 211 -14.99 3.06 -11.32
CA CYS A 211 -13.66 3.48 -11.68
C CYS A 211 -12.57 3.02 -10.73
N ARG A 212 -11.42 3.67 -10.83
CA ARG A 212 -10.24 3.33 -10.07
C ARG A 212 -9.78 4.51 -9.23
N ASP A 213 -9.67 4.25 -7.95
CA ASP A 213 -9.14 5.28 -7.02
C ASP A 213 -7.67 4.93 -6.90
N ASN A 214 -6.83 5.75 -7.49
CA ASN A 214 -5.37 5.47 -7.51
C ASN A 214 -4.66 6.20 -6.35
N TRP A 215 -5.44 6.91 -5.54
CA TRP A 215 -4.93 7.78 -4.45
C TRP A 215 -4.94 7.07 -3.09
N HIS A 216 -6.12 6.66 -2.64
CA HIS A 216 -6.21 6.19 -1.27
C HIS A 216 -7.46 5.35 -1.04
N GLY A 217 -7.78 4.49 -2.02
CA GLY A 217 -8.96 3.65 -1.99
C GLY A 217 -8.72 2.30 -2.65
N SER A 218 -8.97 1.21 -1.92
CA SER A 218 -8.83 -0.15 -2.40
C SER A 218 -10.19 -0.78 -2.77
N ASN A 219 -11.26 -0.08 -2.46
CA ASN A 219 -12.57 -0.28 -3.07
C ASN A 219 -12.67 0.68 -4.22
N ARG A 220 -13.70 0.46 -5.03
CA ARG A 220 -13.89 1.29 -6.24
C ARG A 220 -14.90 2.43 -6.11
N PRO A 221 -14.53 3.62 -6.61
CA PRO A 221 -15.45 4.72 -6.67
C PRO A 221 -16.44 4.53 -7.79
N TRP A 222 -17.61 5.15 -7.64
CA TRP A 222 -18.61 5.15 -8.70
C TRP A 222 -19.21 6.52 -8.87
N VAL A 223 -19.67 6.81 -10.09
CA VAL A 223 -20.43 8.00 -10.37
C VAL A 223 -21.52 7.58 -11.32
N SER A 224 -22.73 8.04 -11.06
CA SER A 224 -23.88 7.73 -11.90
C SER A 224 -24.55 9.02 -12.26
N PHE A 225 -25.12 9.08 -13.45
CA PHE A 225 -25.74 10.31 -13.92
C PHE A 225 -26.81 10.06 -14.97
N ASN A 226 -27.66 11.05 -15.16
CA ASN A 226 -28.70 10.94 -16.18
C ASN A 226 -28.25 11.75 -17.40
N GLN A 227 -29.09 11.82 -18.42
CA GLN A 227 -28.70 12.46 -19.67
C GLN A 227 -28.34 13.93 -19.54
N ASN A 228 -28.88 14.62 -18.52
CA ASN A 228 -28.61 16.03 -18.29
C ASN A 228 -27.43 16.25 -17.36
N LEU A 229 -26.74 15.17 -17.03
CA LEU A 229 -25.54 15.20 -16.22
C LEU A 229 -25.77 15.58 -14.75
N GLU A 230 -26.97 15.30 -14.27
CA GLU A 230 -27.28 15.35 -12.85
C GLU A 230 -26.68 14.06 -12.30
N TYR A 231 -25.73 14.18 -11.38
CA TYR A 231 -24.91 13.03 -10.96
C TYR A 231 -24.93 12.77 -9.45
N GLN A 232 -24.64 11.52 -9.09
CA GLN A 232 -24.41 11.11 -7.70
C GLN A 232 -23.10 10.36 -7.67
N ILE A 233 -22.45 10.37 -6.50
CA ILE A 233 -21.16 9.70 -6.28
C ILE A 233 -21.16 8.86 -5.00
N GLY A 234 -20.34 7.82 -4.98
CA GLY A 234 -20.12 6.98 -3.81
C GLY A 234 -18.97 6.02 -4.12
N TYR A 235 -18.72 5.09 -3.22
CA TYR A 235 -17.79 4.00 -3.37
C TYR A 235 -18.61 2.74 -3.12
N ILE A 236 -18.22 1.65 -3.76
CA ILE A 236 -18.83 0.35 -3.55
C ILE A 236 -18.53 -0.06 -2.11
N CYS A 237 -19.59 -0.43 -1.38
CA CYS A 237 -19.52 -0.56 0.08
C CYS A 237 -19.01 -1.92 0.51
N SER A 238 -19.09 -2.89 -0.41
CA SER A 238 -18.74 -4.27 -0.07
C SER A 238 -17.35 -4.39 0.49
N GLY A 239 -17.22 -5.32 1.44
CA GLY A 239 -15.94 -5.75 1.94
C GLY A 239 -15.19 -6.73 1.09
N ILE A 240 -15.83 -7.15 -0.02
N ILE A 240 -15.80 -7.11 -0.04
CA ILE A 240 -15.14 -7.86 -1.11
CA ILE A 240 -15.13 -7.86 -1.08
C ILE A 240 -14.50 -6.76 -1.91
C ILE A 240 -14.48 -6.80 -1.94
N PHE A 241 -13.29 -6.39 -1.53
CA PHE A 241 -12.65 -5.22 -2.07
C PHE A 241 -12.30 -5.40 -3.55
N GLY A 242 -12.58 -4.38 -4.36
CA GLY A 242 -12.51 -4.55 -5.83
C GLY A 242 -11.19 -4.17 -6.52
N ASP A 243 -10.39 -3.31 -5.88
CA ASP A 243 -9.14 -2.82 -6.54
C ASP A 243 -7.97 -3.81 -6.40
N ASN A 244 -6.88 -3.51 -7.07
CA ASN A 244 -5.61 -4.19 -6.87
C ASN A 244 -4.53 -3.14 -6.88
N PRO A 245 -3.73 -2.98 -5.82
CA PRO A 245 -3.75 -3.80 -4.63
C PRO A 245 -4.96 -3.54 -3.70
N ARG A 246 -5.05 -4.36 -2.66
CA ARG A 246 -6.11 -4.24 -1.66
C ARG A 246 -5.74 -5.07 -0.44
N PRO A 247 -6.48 -4.93 0.66
CA PRO A 247 -6.32 -5.84 1.76
C PRO A 247 -7.10 -7.09 1.55
N ASN A 248 -6.89 -8.05 2.43
CA ASN A 248 -7.83 -9.17 2.50
C ASN A 248 -9.23 -8.67 2.83
N ASP A 249 -10.24 -9.44 2.40
CA ASP A 249 -11.64 -9.08 2.58
C ASP A 249 -11.98 -8.97 4.07
N LYS A 250 -12.73 -7.96 4.42
CA LYS A 250 -13.17 -7.72 5.81
C LYS A 250 -14.29 -6.71 5.70
N THR A 251 -14.79 -6.18 6.80
CA THR A 251 -15.81 -5.16 6.72
C THR A 251 -15.35 -3.97 5.84
N GLY A 252 -16.23 -3.65 4.89
CA GLY A 252 -15.99 -2.57 3.91
C GLY A 252 -16.38 -1.19 4.37
N SER A 253 -16.28 -0.23 3.46
CA SER A 253 -16.74 1.11 3.67
C SER A 253 -17.44 1.66 2.43
N CYS A 254 -18.43 2.51 2.66
CA CYS A 254 -19.08 3.29 1.60
C CYS A 254 -18.27 4.49 1.17
N GLY A 255 -17.13 4.74 1.83
CA GLY A 255 -16.14 5.72 1.42
C GLY A 255 -14.83 5.02 1.08
N PRO A 256 -13.80 5.79 0.69
CA PRO A 256 -12.59 5.13 0.19
C PRO A 256 -11.90 4.33 1.28
N VAL A 257 -11.54 3.11 0.99
CA VAL A 257 -10.88 2.25 1.97
C VAL A 257 -9.40 2.52 1.87
N SER A 258 -8.84 3.17 2.91
CA SER A 258 -7.44 3.63 2.85
C SER A 258 -6.43 2.48 2.80
N SER A 259 -6.73 1.36 3.44
CA SER A 259 -5.77 0.28 3.53
C SER A 259 -5.40 -0.18 2.12
N ASN A 260 -4.10 -0.16 1.81
CA ASN A 260 -3.59 -0.52 0.50
C ASN A 260 -4.29 0.27 -0.63
N GLY A 261 -4.74 1.48 -0.36
CA GLY A 261 -5.49 2.24 -1.31
C GLY A 261 -4.71 2.92 -2.41
N ALA A 262 -3.45 3.26 -2.18
CA ALA A 262 -2.66 3.88 -3.24
C ALA A 262 -2.45 2.88 -4.40
N ASN A 263 -2.34 3.40 -5.60
CA ASN A 263 -2.17 2.57 -6.79
C ASN A 263 -3.51 1.90 -7.09
N GLY A 264 -3.54 1.07 -8.12
CA GLY A 264 -4.77 0.52 -8.51
C GLY A 264 -4.61 -0.24 -9.82
N VAL A 265 -5.76 -0.71 -10.32
CA VAL A 265 -5.89 -1.29 -11.64
C VAL A 265 -7.26 -0.88 -12.17
N LYS A 266 -7.34 -0.59 -13.47
CA LYS A 266 -8.66 -0.38 -14.11
C LYS A 266 -9.52 -1.63 -13.89
N GLY A 267 -10.76 -1.36 -13.49
CA GLY A 267 -11.78 -2.40 -13.34
C GLY A 267 -13.19 -1.96 -13.64
N PHE A 268 -14.14 -2.83 -13.28
CA PHE A 268 -15.53 -2.58 -13.47
C PHE A 268 -16.35 -3.34 -12.40
N SER A 269 -17.62 -3.00 -12.32
CA SER A 269 -18.58 -3.77 -11.60
C SER A 269 -19.96 -3.41 -12.17
N PHE A 270 -20.93 -4.30 -12.00
CA PHE A 270 -22.32 -4.07 -12.39
C PHE A 270 -23.25 -4.06 -11.15
N LYS A 271 -23.98 -2.95 -11.03
CA LYS A 271 -24.96 -2.73 -9.96
C LYS A 271 -26.31 -3.34 -10.34
N TYR A 272 -26.84 -4.13 -9.41
CA TYR A 272 -28.20 -4.70 -9.48
C TYR A 272 -28.95 -4.41 -8.18
N GLY A 273 -29.60 -3.26 -8.10
CA GLY A 273 -30.19 -2.83 -6.83
C GLY A 273 -29.14 -2.62 -5.73
N ASN A 274 -29.23 -3.39 -4.66
CA ASN A 274 -28.27 -3.33 -3.56
C ASN A 274 -27.11 -4.25 -3.82
N GLY A 275 -27.23 -5.12 -4.82
CA GLY A 275 -26.23 -6.13 -5.12
C GLY A 275 -25.26 -5.70 -6.20
N VAL A 276 -24.17 -6.46 -6.31
CA VAL A 276 -23.11 -6.08 -7.22
C VAL A 276 -22.42 -7.32 -7.72
N TRP A 277 -22.19 -7.33 -9.03
CA TRP A 277 -21.23 -8.26 -9.63
C TRP A 277 -19.87 -7.56 -9.75
N ILE A 278 -18.90 -8.11 -9.04
CA ILE A 278 -17.55 -7.55 -8.97
C ILE A 278 -16.61 -8.44 -9.79
N GLY A 279 -15.84 -7.85 -10.68
CA GLY A 279 -14.71 -8.56 -11.28
C GLY A 279 -13.45 -8.07 -10.62
N ARG A 280 -12.57 -8.98 -10.25
CA ARG A 280 -11.28 -8.57 -9.65
C ARG A 280 -10.18 -9.57 -9.85
N THR A 281 -8.95 -9.12 -9.60
CA THR A 281 -7.80 -10.00 -9.56
C THR A 281 -7.96 -11.01 -8.43
N LYS A 282 -7.29 -12.14 -8.56
CA LYS A 282 -7.28 -13.08 -7.42
C LYS A 282 -6.26 -12.68 -6.37
N SER A 283 -5.08 -12.19 -6.80
CA SER A 283 -4.09 -11.72 -5.84
C SER A 283 -4.52 -10.38 -5.26
N ILE A 284 -4.24 -10.21 -3.97
CA ILE A 284 -4.47 -8.91 -3.31
C ILE A 284 -3.38 -7.89 -3.58
N SER A 285 -2.24 -8.34 -4.10
CA SER A 285 -1.09 -7.49 -4.28
C SER A 285 -0.55 -7.33 -5.69
N SER A 286 -0.88 -8.20 -6.63
CA SER A 286 -0.42 -7.97 -7.97
C SER A 286 -1.47 -8.41 -8.99
N ARG A 287 -1.17 -8.14 -10.24
CA ARG A 287 -2.11 -8.37 -11.34
C ARG A 287 -2.06 -9.83 -11.75
N ASN A 288 -2.61 -10.68 -10.87
CA ASN A 288 -2.64 -12.12 -11.05
C ASN A 288 -4.02 -12.66 -10.75
N GLY A 289 -4.47 -13.50 -11.66
CA GLY A 289 -5.79 -14.10 -11.57
C GLY A 289 -6.92 -13.16 -11.91
N PHE A 290 -8.09 -13.75 -12.07
CA PHE A 290 -9.30 -12.97 -12.24
C PHE A 290 -10.46 -13.83 -11.77
N GLU A 291 -11.46 -13.17 -11.17
CA GLU A 291 -12.69 -13.88 -10.71
C GLU A 291 -13.85 -12.94 -10.70
N MET A 292 -15.04 -13.49 -10.87
CA MET A 292 -16.26 -12.75 -10.79
C MET A 292 -16.97 -13.20 -9.51
N ILE A 293 -17.46 -12.23 -8.73
CA ILE A 293 -18.12 -12.45 -7.45
C ILE A 293 -19.44 -11.69 -7.39
N TRP A 294 -20.51 -12.40 -7.10
CA TRP A 294 -21.82 -11.81 -6.84
C TRP A 294 -21.99 -11.60 -5.33
N ASP A 295 -22.17 -10.34 -4.95
CA ASP A 295 -22.52 -9.99 -3.60
C ASP A 295 -23.88 -9.34 -3.61
N PRO A 296 -24.90 -10.07 -3.14
CA PRO A 296 -26.26 -9.55 -3.23
C PRO A 296 -26.54 -8.28 -2.43
N ASN A 297 -25.67 -7.90 -1.49
CA ASN A 297 -25.86 -6.63 -0.75
C ASN A 297 -24.67 -5.70 -0.86
N GLY A 298 -23.78 -5.94 -1.83
CA GLY A 298 -22.46 -5.34 -1.81
C GLY A 298 -22.37 -3.92 -2.38
N TRP A 299 -23.35 -3.47 -3.17
CA TRP A 299 -23.34 -2.10 -3.62
C TRP A 299 -23.46 -1.15 -2.42
N THR A 300 -24.43 -1.40 -1.55
CA THR A 300 -24.76 -0.51 -0.42
C THR A 300 -24.41 -1.02 0.98
N GLY A 301 -24.08 -2.30 1.13
CA GLY A 301 -23.76 -2.90 2.43
C GLY A 301 -22.29 -3.26 2.56
N THR A 302 -21.76 -3.19 3.78
CA THR A 302 -20.33 -3.30 4.06
C THR A 302 -19.82 -4.68 4.53
N ASP A 303 -20.66 -5.70 4.69
CA ASP A 303 -20.09 -7.01 5.04
C ASP A 303 -19.21 -7.63 3.88
N ASN A 304 -18.38 -8.62 4.23
CA ASN A 304 -17.51 -9.33 3.28
C ASN A 304 -18.09 -10.71 2.93
N ASN A 305 -19.42 -10.78 2.89
CA ASN A 305 -20.15 -12.02 2.66
C ASN A 305 -20.57 -11.98 1.18
N PHE A 306 -20.37 -13.11 0.48
CA PHE A 306 -20.87 -13.29 -0.94
C PHE A 306 -21.59 -14.59 -1.21
N SER A 307 -22.35 -14.59 -2.29
CA SER A 307 -23.12 -15.76 -2.70
C SER A 307 -22.55 -16.54 -3.90
N ILE A 308 -21.69 -15.96 -4.74
CA ILE A 308 -21.23 -16.74 -5.89
C ILE A 308 -19.86 -16.23 -6.33
N LYS A 309 -18.92 -17.18 -6.51
CA LYS A 309 -17.66 -16.91 -7.20
C LYS A 309 -17.54 -17.75 -8.47
N GLN A 310 -17.05 -17.13 -9.56
CA GLN A 310 -16.68 -17.87 -10.76
C GLN A 310 -15.25 -17.53 -11.17
N ASP A 311 -14.41 -18.54 -11.29
CA ASP A 311 -13.02 -18.32 -11.65
C ASP A 311 -12.91 -17.99 -13.15
N ILE A 312 -12.01 -17.06 -13.46
CA ILE A 312 -11.77 -16.62 -14.83
C ILE A 312 -10.32 -16.85 -15.29
N VAL A 313 -9.37 -16.43 -14.45
CA VAL A 313 -7.96 -16.65 -14.65
C VAL A 313 -7.37 -17.13 -13.33
N GLY A 314 -6.52 -18.16 -13.39
CA GLY A 314 -5.94 -18.75 -12.16
C GLY A 314 -5.02 -17.77 -11.42
N ILE A 315 -4.94 -17.97 -10.10
CA ILE A 315 -4.11 -17.16 -9.21
C ILE A 315 -2.64 -17.04 -9.68
N ASN A 316 -2.06 -18.04 -10.33
CA ASN A 316 -0.67 -17.93 -10.70
C ASN A 316 -0.50 -17.40 -12.10
N GLU A 317 -1.54 -16.84 -12.72
CA GLU A 317 -1.43 -16.37 -14.09
C GLU A 317 -1.61 -14.86 -14.13
N TRP A 318 -1.01 -14.24 -15.13
CA TRP A 318 -1.03 -12.81 -15.25
C TRP A 318 -2.38 -12.32 -15.72
N SER A 319 -2.92 -11.30 -15.05
CA SER A 319 -4.09 -10.59 -15.54
C SER A 319 -3.70 -9.15 -15.86
N GLY A 320 -4.54 -8.16 -15.54
CA GLY A 320 -4.32 -6.80 -15.95
C GLY A 320 -5.63 -6.04 -15.87
N TYR A 321 -5.78 -5.05 -16.74
CA TYR A 321 -6.97 -4.26 -16.76
C TYR A 321 -8.20 -5.12 -17.06
N SER A 322 -9.35 -4.64 -16.62
CA SER A 322 -10.62 -5.19 -17.05
C SER A 322 -11.65 -4.07 -17.19
N GLY A 323 -12.67 -4.34 -17.97
CA GLY A 323 -13.68 -3.35 -18.25
C GLY A 323 -15.00 -3.95 -18.66
N SER A 324 -16.07 -3.19 -18.44
CA SER A 324 -17.39 -3.49 -18.97
C SER A 324 -17.54 -3.23 -20.45
N PHE A 325 -18.33 -4.05 -21.10
CA PHE A 325 -19.00 -3.66 -22.35
C PHE A 325 -20.40 -4.25 -22.38
N VAL A 326 -21.31 -3.62 -23.10
CA VAL A 326 -22.71 -4.07 -23.12
C VAL A 326 -23.11 -4.44 -24.53
N GLN A 327 -24.13 -5.26 -24.62
CA GLN A 327 -24.81 -5.48 -25.88
C GLN A 327 -26.25 -5.05 -25.68
N HIS A 328 -26.65 -4.04 -26.44
CA HIS A 328 -27.98 -3.49 -26.34
C HIS A 328 -29.02 -4.40 -27.06
N PRO A 329 -30.30 -4.28 -26.69
CA PRO A 329 -31.41 -4.95 -27.40
C PRO A 329 -31.42 -4.85 -28.91
N GLU A 330 -31.02 -3.69 -29.45
CA GLU A 330 -30.96 -3.50 -30.90
C GLU A 330 -29.97 -4.51 -31.57
N LEU A 331 -28.96 -4.97 -30.82
CA LEU A 331 -28.01 -5.96 -31.32
C LEU A 331 -28.46 -7.39 -31.05
N THR A 332 -29.01 -7.64 -29.87
CA THR A 332 -29.25 -9.00 -29.42
C THR A 332 -30.69 -9.49 -29.69
N GLY A 333 -31.64 -8.57 -29.83
CA GLY A 333 -33.06 -8.94 -29.81
C GLY A 333 -33.66 -9.20 -28.43
N LEU A 334 -32.91 -9.00 -27.33
CA LEU A 334 -33.39 -9.18 -25.98
C LEU A 334 -34.18 -7.94 -25.51
N ASP A 335 -34.81 -8.05 -24.35
CA ASP A 335 -35.56 -6.91 -23.77
C ASP A 335 -34.74 -6.21 -22.67
N CYS A 336 -33.43 -6.39 -22.64
CA CYS A 336 -32.61 -5.84 -21.57
C CYS A 336 -31.22 -5.62 -22.16
N ILE A 337 -30.44 -4.79 -21.48
CA ILE A 337 -29.07 -4.51 -21.89
C ILE A 337 -28.19 -5.60 -21.28
N ARG A 338 -27.54 -6.37 -22.15
CA ARG A 338 -26.70 -7.46 -21.70
C ARG A 338 -25.32 -7.02 -21.24
N PRO A 339 -24.94 -7.40 -20.02
CA PRO A 339 -23.62 -7.00 -19.54
C PRO A 339 -22.56 -8.03 -19.92
N CYS A 340 -21.41 -7.53 -20.37
CA CYS A 340 -20.28 -8.37 -20.71
C CYS A 340 -19.02 -7.70 -20.12
N PHE A 341 -17.89 -8.40 -20.14
CA PHE A 341 -16.63 -7.80 -19.69
C PHE A 341 -15.45 -8.39 -20.39
N TRP A 342 -14.35 -7.64 -20.38
CA TRP A 342 -13.09 -8.10 -20.95
C TRP A 342 -12.02 -8.05 -19.88
N VAL A 343 -11.03 -8.88 -20.06
CA VAL A 343 -9.80 -8.85 -19.25
C VAL A 343 -8.57 -8.74 -20.17
N GLU A 344 -7.71 -7.77 -19.86
CA GLU A 344 -6.40 -7.64 -20.44
C GLU A 344 -5.43 -8.55 -19.69
N LEU A 345 -4.71 -9.38 -20.43
CA LEU A 345 -3.67 -10.27 -19.89
C LEU A 345 -2.30 -9.71 -20.25
N ILE A 346 -1.70 -9.02 -19.29
CA ILE A 346 -0.50 -8.24 -19.52
C ILE A 346 0.71 -9.14 -19.42
N ARG A 347 1.58 -9.07 -20.43
CA ARG A 347 2.82 -9.79 -20.47
C ARG A 347 4.00 -8.82 -20.66
N GLY A 348 5.12 -9.19 -20.07
CA GLY A 348 6.38 -8.45 -20.21
C GLY A 348 6.67 -7.62 -18.96
N ARG A 349 7.13 -6.41 -19.16
CA ARG A 349 7.49 -5.52 -18.05
C ARG A 349 6.22 -5.03 -17.30
N PRO A 350 6.28 -4.81 -16.00
CA PRO A 350 7.51 -4.93 -15.18
C PRO A 350 7.76 -6.30 -14.56
N LYS A 351 6.83 -7.24 -14.66
CA LYS A 351 6.90 -8.51 -13.95
C LYS A 351 7.83 -9.51 -14.59
N GLU A 352 8.11 -9.38 -15.89
CA GLU A 352 8.86 -10.39 -16.59
C GLU A 352 10.08 -9.78 -17.24
N ASN A 353 11.03 -10.61 -17.54
CA ASN A 353 12.34 -10.22 -18.07
C ASN A 353 12.40 -9.94 -19.54
N THR A 354 11.76 -8.87 -19.98
CA THR A 354 11.65 -8.55 -21.41
C THR A 354 12.00 -7.08 -21.61
N ILE A 355 12.17 -6.68 -22.87
CA ILE A 355 12.35 -5.29 -23.20
C ILE A 355 11.00 -4.57 -23.40
N TRP A 356 9.91 -5.33 -23.39
CA TRP A 356 8.63 -4.89 -23.90
C TRP A 356 7.53 -5.23 -22.92
N THR A 357 6.39 -4.57 -23.12
CA THR A 357 5.15 -4.92 -22.46
C THR A 357 4.02 -4.93 -23.53
N SER A 358 3.14 -5.93 -23.44
CA SER A 358 2.00 -6.03 -24.34
C SER A 358 0.93 -6.88 -23.69
N GLY A 359 -0.23 -6.95 -24.27
CA GLY A 359 -1.28 -7.80 -23.68
C GLY A 359 -2.08 -8.59 -24.73
N SER A 360 -2.73 -9.65 -24.28
CA SER A 360 -3.82 -10.29 -25.01
C SER A 360 -5.11 -10.05 -24.26
N SER A 361 -6.20 -10.65 -24.71
CA SER A 361 -7.49 -10.42 -24.11
C SER A 361 -8.36 -11.64 -24.10
N ILE A 362 -9.27 -11.64 -23.12
CA ILE A 362 -10.37 -12.58 -23.06
C ILE A 362 -11.61 -11.77 -22.82
N SER A 363 -12.79 -12.29 -23.19
CA SER A 363 -14.02 -11.66 -22.80
C SER A 363 -15.11 -12.70 -22.54
N PHE A 364 -16.14 -12.24 -21.82
CA PHE A 364 -17.26 -13.04 -21.36
C PHE A 364 -18.54 -12.25 -21.43
N CYS A 365 -19.67 -12.92 -21.63
CA CYS A 365 -20.97 -12.24 -21.53
C CYS A 365 -21.84 -12.92 -20.49
N GLY A 366 -22.64 -12.10 -19.82
CA GLY A 366 -23.52 -12.58 -18.80
C GLY A 366 -24.69 -13.33 -19.36
N VAL A 367 -24.99 -14.47 -18.75
CA VAL A 367 -26.12 -15.26 -19.14
C VAL A 367 -26.85 -15.76 -17.90
N ASN A 368 -28.07 -16.24 -18.16
CA ASN A 368 -28.87 -16.90 -17.14
C ASN A 368 -29.03 -18.39 -17.40
N SER A 369 -28.01 -19.01 -17.96
CA SER A 369 -27.94 -20.42 -18.27
C SER A 369 -26.66 -20.93 -17.61
N ASP A 370 -26.34 -22.20 -17.81
CA ASP A 370 -25.24 -22.81 -17.05
C ASP A 370 -23.88 -22.30 -17.52
N THR A 371 -22.99 -22.09 -16.55
CA THR A 371 -21.61 -21.64 -16.78
C THR A 371 -20.65 -22.44 -15.92
N VAL A 372 -19.35 -22.19 -16.09
CA VAL A 372 -18.32 -22.89 -15.30
C VAL A 372 -17.12 -21.98 -15.08
N GLY A 373 -16.44 -22.17 -13.97
CA GLY A 373 -15.13 -21.52 -13.73
C GLY A 373 -14.01 -22.28 -14.36
N TRP A 374 -13.00 -21.55 -14.82
CA TRP A 374 -11.76 -22.17 -15.29
C TRP A 374 -10.72 -21.11 -15.32
N SER A 375 -9.62 -21.40 -16.00
CA SER A 375 -8.59 -20.38 -16.25
C SER A 375 -8.28 -20.34 -17.74
N TRP A 376 -8.38 -19.14 -18.31
CA TRP A 376 -8.04 -18.92 -19.70
C TRP A 376 -6.95 -17.86 -19.75
N PRO A 377 -5.70 -18.26 -19.50
CA PRO A 377 -4.67 -17.23 -19.38
C PRO A 377 -4.00 -16.93 -20.72
N ASP A 378 -3.00 -16.08 -20.71
CA ASP A 378 -2.38 -15.60 -21.99
C ASP A 378 -1.74 -16.76 -22.76
N GLY A 379 -0.87 -17.49 -22.06
CA GLY A 379 -0.25 -18.67 -22.57
C GLY A 379 1.03 -18.53 -23.36
N ALA A 380 1.49 -17.31 -23.57
CA ALA A 380 2.79 -17.14 -24.26
C ALA A 380 3.95 -17.57 -23.33
N GLU A 381 5.02 -18.06 -23.91
CA GLU A 381 6.21 -18.42 -23.17
C GLU A 381 7.23 -17.30 -23.38
N LEU A 382 7.56 -16.59 -22.30
CA LEU A 382 8.52 -15.51 -22.31
C LEU A 382 9.82 -16.00 -21.69
N PRO A 383 10.97 -15.37 -22.00
CA PRO A 383 11.04 -14.27 -22.96
C PRO A 383 10.93 -14.71 -24.41
N PHE A 384 10.98 -13.72 -25.29
CA PHE A 384 10.89 -13.91 -26.74
C PHE A 384 12.27 -13.75 -27.34
N THR A 385 12.40 -14.09 -28.61
CA THR A 385 13.64 -13.90 -29.36
C THR A 385 14.28 -12.54 -29.23
N ILE A 386 13.49 -11.47 -29.31
CA ILE A 386 14.02 -10.11 -29.24
C ILE A 386 14.62 -9.76 -27.86
N ASP A 387 14.32 -10.54 -26.83
CA ASP A 387 14.75 -10.20 -25.49
C ASP A 387 16.14 -10.72 -25.17
N SER B 1 -7.65 20.48 21.81
CA SER B 1 -6.96 19.17 21.56
C SER B 1 -7.96 18.19 21.03
N VAL B 2 -7.55 17.44 20.02
CA VAL B 2 -8.39 16.47 19.35
C VAL B 2 -7.61 15.12 19.26
N LYS B 3 -8.29 14.02 19.50
CA LYS B 3 -7.72 12.67 19.41
C LYS B 3 -7.16 12.45 18.01
N LEU B 4 -5.99 11.81 17.92
CA LEU B 4 -5.46 11.38 16.64
C LEU B 4 -6.42 10.36 16.00
N ALA B 5 -6.77 10.58 14.74
CA ALA B 5 -7.76 9.69 14.10
C ALA B 5 -7.12 8.31 13.82
N GLY B 6 -5.94 8.30 13.21
CA GLY B 6 -5.22 7.08 12.97
C GLY B 6 -5.84 6.22 11.88
N ASN B 7 -6.64 6.84 11.01
CA ASN B 7 -7.44 6.10 10.02
C ASN B 7 -6.92 6.20 8.56
N SER B 8 -5.89 7.02 8.30
CA SER B 8 -5.25 7.02 6.98
C SER B 8 -4.19 5.91 6.96
N SER B 9 -3.61 5.70 5.78
CA SER B 9 -2.55 4.71 5.61
C SER B 9 -1.20 5.38 5.60
N LEU B 10 -0.17 4.56 5.53
CA LEU B 10 1.20 5.07 5.44
C LEU B 10 1.40 5.88 4.19
N CYS B 11 2.12 7.01 4.34
CA CYS B 11 2.50 7.79 3.21
C CYS B 11 3.38 6.98 2.23
N PRO B 12 3.21 7.23 0.94
CA PRO B 12 4.16 6.73 -0.04
C PRO B 12 5.55 7.30 0.19
N VAL B 13 6.57 6.44 0.25
CA VAL B 13 7.95 6.88 0.39
C VAL B 13 8.89 6.26 -0.66
N SER B 14 9.86 7.03 -1.13
CA SER B 14 10.89 6.47 -2.00
C SER B 14 12.25 6.32 -1.29
N GLY B 15 12.41 6.98 -0.13
CA GLY B 15 13.67 6.98 0.63
C GLY B 15 13.55 7.83 1.91
N TRP B 16 14.69 8.01 2.58
CA TRP B 16 14.70 8.42 4.00
C TRP B 16 15.60 9.66 4.12
N ALA B 17 14.98 10.77 4.53
CA ALA B 17 15.65 12.03 4.70
C ALA B 17 16.05 12.16 6.22
N ILE B 18 17.26 12.62 6.47
CA ILE B 18 17.71 12.66 7.84
C ILE B 18 16.95 13.78 8.57
N TYR B 19 16.54 13.43 9.78
CA TYR B 19 15.68 14.27 10.56
C TYR B 19 16.37 14.84 11.82
N SER B 20 17.14 14.03 12.53
CA SER B 20 17.86 14.50 13.73
C SER B 20 19.11 13.69 14.02
N LYS B 21 20.03 14.34 14.75
CA LYS B 21 21.21 13.69 15.28
C LYS B 21 21.55 14.47 16.54
N ASP B 22 21.74 13.74 17.65
CA ASP B 22 22.01 14.42 18.94
C ASP B 22 23.47 14.57 19.36
N ASN B 23 24.35 13.71 18.84
CA ASN B 23 25.77 13.71 19.24
C ASN B 23 25.99 13.62 20.77
N SER B 24 25.12 12.87 21.48
CA SER B 24 25.12 12.85 22.94
C SER B 24 26.45 12.41 23.59
N VAL B 25 27.13 11.44 22.99
CA VAL B 25 28.32 10.85 23.58
C VAL B 25 29.49 11.78 23.38
N ARG B 26 29.61 12.34 22.18
CA ARG B 26 30.61 13.35 21.91
C ARG B 26 30.48 14.53 22.88
N ILE B 27 29.26 15.03 23.04
CA ILE B 27 29.01 16.20 23.93
C ILE B 27 29.21 15.84 25.41
N GLY B 28 28.77 14.64 25.83
CA GLY B 28 28.93 14.22 27.23
C GLY B 28 30.35 13.95 27.71
N SER B 29 31.31 13.94 26.79
CA SER B 29 32.70 13.92 27.17
C SER B 29 33.06 15.12 28.06
N LYS B 30 32.39 16.25 27.83
CA LYS B 30 32.49 17.40 28.74
C LYS B 30 31.19 17.78 29.44
N GLY B 31 30.13 17.95 28.66
CA GLY B 31 28.85 18.38 29.15
C GLY B 31 28.17 17.36 30.04
N ASP B 32 27.12 17.78 30.70
CA ASP B 32 26.41 16.93 31.66
C ASP B 32 25.27 16.23 30.93
N VAL B 33 25.58 15.02 30.45
CA VAL B 33 24.70 14.26 29.58
C VAL B 33 24.47 12.92 30.31
N PHE B 34 23.23 12.51 30.42
CA PHE B 34 22.95 11.19 31.02
C PHE B 34 23.55 10.03 30.26
N VAL B 35 23.99 9.03 31.02
CA VAL B 35 24.17 7.70 30.48
C VAL B 35 22.77 7.13 30.18
N ILE B 36 22.56 6.70 28.94
CA ILE B 36 21.26 6.16 28.56
C ILE B 36 21.41 4.98 27.65
N ARG B 37 20.34 4.17 27.61
CA ARG B 37 20.15 3.31 26.49
C ARG B 37 18.67 3.17 26.23
N GLU B 38 18.32 2.41 25.21
CA GLU B 38 16.90 2.17 24.83
C GLU B 38 16.20 3.49 24.60
N PRO B 39 16.78 4.34 23.76
CA PRO B 39 16.08 5.56 23.41
C PRO B 39 15.05 5.28 22.35
N PHE B 40 14.11 6.19 22.21
CA PHE B 40 13.09 6.11 21.18
C PHE B 40 12.40 7.48 20.99
N ILE B 41 11.82 7.66 19.82
CA ILE B 41 11.15 8.92 19.47
C ILE B 41 9.68 8.70 19.41
N SER B 42 8.96 9.71 19.91
CA SER B 42 7.52 9.75 19.79
C SER B 42 7.07 11.21 19.69
N CYS B 43 5.97 11.40 18.98
CA CYS B 43 5.48 12.76 18.74
C CYS B 43 4.03 12.99 19.21
N SER B 44 3.76 14.26 19.56
CA SER B 44 2.40 14.75 19.83
C SER B 44 1.90 15.48 18.57
N PRO B 45 0.72 16.10 18.63
CA PRO B 45 0.34 16.99 17.52
C PRO B 45 1.19 18.26 17.38
N LEU B 46 2.05 18.53 18.37
CA LEU B 46 2.88 19.74 18.41
C LEU B 46 4.41 19.57 18.38
N GLU B 47 4.95 18.44 18.85
CA GLU B 47 6.37 18.29 18.94
C GLU B 47 6.76 16.82 18.95
N CYS B 48 8.02 16.55 18.63
CA CYS B 48 8.58 15.21 18.77
C CYS B 48 9.62 15.19 19.87
N ARG B 49 9.62 14.10 20.64
CA ARG B 49 10.51 13.99 21.80
C ARG B 49 11.30 12.73 21.72
N THR B 50 12.51 12.77 22.27
CA THR B 50 13.30 11.57 22.46
C THR B 50 13.04 11.10 23.88
N PHE B 51 12.60 9.85 24.02
CA PHE B 51 12.43 9.18 25.31
C PHE B 51 13.64 8.29 25.50
N PHE B 52 14.00 7.98 26.76
CA PHE B 52 15.21 7.17 26.99
C PHE B 52 15.25 6.67 28.41
N LEU B 53 15.99 5.58 28.60
CA LEU B 53 16.15 5.01 29.91
C LEU B 53 17.52 5.47 30.44
N THR B 54 17.52 6.35 31.43
CA THR B 54 18.76 6.76 32.02
C THR B 54 19.25 5.65 32.93
N GLN B 55 20.51 5.78 33.33
CA GLN B 55 21.13 4.93 34.35
C GLN B 55 21.35 5.69 35.66
N GLY B 56 20.65 6.80 35.87
CA GLY B 56 20.80 7.60 37.07
C GLY B 56 22.20 8.15 37.21
N ALA B 57 22.87 8.40 36.10
CA ALA B 57 24.28 8.81 36.13
C ALA B 57 24.63 9.62 34.89
N LEU B 58 25.74 10.32 34.95
CA LEU B 58 26.24 11.10 33.83
C LEU B 58 27.47 10.51 33.18
N LEU B 59 27.64 10.82 31.90
CA LEU B 59 28.81 10.35 31.15
C LEU B 59 30.04 10.99 31.77
N ASN B 60 31.13 10.21 31.79
CA ASN B 60 32.43 10.63 32.32
C ASN B 60 32.47 10.86 33.82
N ASP B 61 31.53 10.24 34.57
CA ASP B 61 31.52 10.26 36.03
C ASP B 61 31.54 8.80 36.50
N LYS B 62 32.06 8.62 37.71
CA LYS B 62 32.22 7.28 38.25
C LYS B 62 30.90 6.50 38.34
N HIS B 63 29.77 7.16 38.54
CA HIS B 63 28.49 6.44 38.63
C HIS B 63 28.06 5.80 37.31
N SER B 64 28.76 6.09 36.21
CA SER B 64 28.54 5.39 34.98
C SER B 64 29.12 3.97 34.98
N ASN B 65 29.87 3.62 36.00
CA ASN B 65 30.47 2.27 36.12
C ASN B 65 29.40 1.21 36.19
N GLY B 66 29.55 0.13 35.42
CA GLY B 66 28.67 -1.03 35.55
C GLY B 66 27.41 -0.87 34.72
N THR B 67 27.33 0.16 33.87
CA THR B 67 26.09 0.44 33.15
C THR B 67 25.79 -0.49 31.97
N ILE B 68 26.62 -1.51 31.74
CA ILE B 68 26.21 -2.67 30.95
C ILE B 68 24.96 -3.36 31.57
N LYS B 69 24.74 -3.19 32.85
CA LYS B 69 23.64 -3.85 33.51
C LYS B 69 22.29 -3.27 33.09
N ASP B 70 21.35 -4.17 32.78
CA ASP B 70 20.08 -3.76 32.24
C ASP B 70 19.09 -3.17 33.25
N ARG B 71 18.97 -3.78 34.42
CA ARG B 71 17.85 -3.45 35.30
C ARG B 71 18.36 -3.15 36.66
N SER B 72 17.93 -2.02 37.21
CA SER B 72 18.32 -1.49 38.52
C SER B 72 17.27 -0.52 39.01
N PRO B 73 17.25 -0.21 40.29
CA PRO B 73 16.34 0.82 40.79
C PRO B 73 16.67 2.28 40.40
N TYR B 74 17.83 2.52 39.76
CA TYR B 74 18.24 3.89 39.43
C TYR B 74 17.74 4.31 38.10
N ARG B 75 17.32 3.35 37.27
CA ARG B 75 16.94 3.67 35.89
C ARG B 75 15.60 4.38 35.85
N THR B 76 15.54 5.42 35.00
CA THR B 76 14.36 6.25 34.89
C THR B 76 14.09 6.58 33.46
N LEU B 77 12.80 6.63 33.13
CA LEU B 77 12.35 7.06 31.85
C LEU B 77 12.29 8.57 31.90
N MET B 78 13.00 9.20 30.97
CA MET B 78 12.94 10.68 30.82
C MET B 78 12.79 11.02 29.35
N SER B 79 12.52 12.29 29.04
CA SER B 79 12.41 12.73 27.67
C SER B 79 12.95 14.15 27.48
N CYS B 80 13.40 14.41 26.26
CA CYS B 80 13.82 15.76 25.87
C CYS B 80 13.40 16.05 24.43
N PRO B 81 13.58 17.30 23.99
CA PRO B 81 13.23 17.54 22.59
C PRO B 81 14.14 16.77 21.64
N ILE B 82 13.57 16.35 20.53
CA ILE B 82 14.31 15.60 19.53
C ILE B 82 15.58 16.34 19.08
N GLY B 83 16.67 15.61 19.10
CA GLY B 83 17.97 16.11 18.64
C GLY B 83 18.80 16.84 19.66
N GLU B 84 18.22 17.17 20.80
CA GLU B 84 18.99 17.71 21.91
C GLU B 84 19.62 16.57 22.72
N VAL B 85 20.77 16.82 23.32
CA VAL B 85 21.36 15.81 24.21
C VAL B 85 20.50 15.59 25.48
N PRO B 86 20.42 14.36 25.95
CA PRO B 86 19.65 14.10 27.15
C PRO B 86 20.43 14.54 28.40
N SER B 87 20.10 15.71 28.91
CA SER B 87 20.75 16.27 30.06
C SER B 87 19.76 16.47 31.22
N PRO B 88 20.29 16.49 32.45
CA PRO B 88 19.46 16.91 33.61
C PRO B 88 18.89 18.32 33.51
N TYR B 89 19.42 19.15 32.61
CA TYR B 89 18.96 20.52 32.53
C TYR B 89 17.90 20.73 31.44
N ASN B 90 17.67 19.72 30.61
CA ASN B 90 16.65 19.85 29.55
C ASN B 90 15.71 18.65 29.49
N SER B 91 15.81 17.72 30.44
CA SER B 91 15.02 16.50 30.37
C SER B 91 13.85 16.45 31.38
N ARG B 92 12.68 16.10 30.85
CA ARG B 92 11.45 15.93 31.64
CA ARG B 92 11.47 15.95 31.65
C ARG B 92 11.50 14.55 32.27
N PHE B 93 11.20 14.48 33.56
CA PHE B 93 11.12 13.22 34.27
C PHE B 93 9.79 12.54 33.90
N GLU B 94 9.81 11.28 33.50
CA GLU B 94 8.56 10.57 33.14
C GLU B 94 8.17 9.49 34.16
N SER B 95 9.09 8.58 34.48
CA SER B 95 8.71 7.37 35.25
C SER B 95 9.94 6.64 35.73
N VAL B 96 9.82 5.94 36.86
CA VAL B 96 10.92 5.06 37.26
C VAL B 96 10.77 3.79 36.43
N ALA B 97 11.83 3.38 35.73
CA ALA B 97 11.69 2.38 34.69
C ALA B 97 12.99 1.78 34.27
N TRP B 98 13.02 0.45 34.08
CA TRP B 98 14.06 -0.22 33.30
C TRP B 98 13.55 -0.85 32.01
N SER B 99 12.26 -0.65 31.71
CA SER B 99 11.71 -0.95 30.39
C SER B 99 10.52 -0.03 30.19
N ALA B 100 10.29 0.41 28.97
CA ALA B 100 9.30 1.49 28.75
C ALA B 100 8.65 1.57 27.41
N SER B 101 7.55 2.32 27.35
CA SER B 101 6.92 2.74 26.10
C SER B 101 6.28 4.09 26.37
N ALA B 102 5.96 4.83 25.31
CA ALA B 102 5.20 6.06 25.46
C ALA B 102 4.55 6.40 24.14
N CYS B 103 3.45 7.11 24.19
CA CYS B 103 2.77 7.62 23.00
C CYS B 103 1.72 8.65 23.39
N HIS B 104 1.42 9.53 22.46
CA HIS B 104 0.44 10.61 22.65
C HIS B 104 -0.84 10.29 21.83
N ASP B 105 -2.00 10.39 22.49
CA ASP B 105 -3.27 10.07 21.84
C ASP B 105 -3.91 11.26 21.08
N GLY B 106 -3.21 12.40 21.05
CA GLY B 106 -3.73 13.66 20.54
C GLY B 106 -4.11 14.62 21.66
N ILE B 107 -4.43 14.08 22.84
CA ILE B 107 -4.83 14.87 24.02
C ILE B 107 -3.69 14.96 25.03
N ASN B 108 -3.21 13.80 25.49
CA ASN B 108 -2.14 13.72 26.47
C ASN B 108 -1.16 12.56 26.18
N TRP B 109 -0.01 12.65 26.82
CA TRP B 109 1.04 11.64 26.82
C TRP B 109 0.63 10.47 27.71
N LEU B 110 0.70 9.26 27.16
CA LEU B 110 0.79 8.03 27.93
C LEU B 110 2.26 7.65 28.08
N THR B 111 2.70 7.39 29.30
CA THR B 111 3.97 6.71 29.52
C THR B 111 3.76 5.40 30.29
N ILE B 112 4.59 4.41 29.98
CA ILE B 112 4.55 3.10 30.64
C ILE B 112 5.99 2.85 31.08
N GLY B 113 6.17 2.72 32.36
CA GLY B 113 7.48 2.49 32.97
C GLY B 113 7.42 1.27 33.87
N ILE B 114 8.26 0.29 33.54
CA ILE B 114 8.32 -0.95 34.35
C ILE B 114 9.56 -0.89 35.25
N SER B 115 9.35 -1.07 36.55
CA SER B 115 10.42 -1.23 37.52
C SER B 115 10.03 -2.35 38.55
N GLY B 116 10.82 -2.48 39.61
CA GLY B 116 10.67 -3.58 40.56
C GLY B 116 11.53 -4.80 40.25
N PRO B 117 11.32 -5.87 41.02
CA PRO B 117 12.20 -7.07 40.86
C PRO B 117 11.91 -7.90 39.62
N ASP B 118 12.90 -8.68 39.21
CA ASP B 118 12.76 -9.55 38.04
C ASP B 118 11.57 -10.50 38.14
N ASN B 119 11.30 -10.94 39.36
CA ASN B 119 10.26 -11.95 39.62
C ASN B 119 8.87 -11.35 39.95
N GLY B 120 8.70 -10.03 39.76
CA GLY B 120 7.42 -9.38 40.07
C GLY B 120 7.36 -7.91 39.68
N ALA B 121 7.84 -7.62 38.50
CA ALA B 121 7.95 -6.22 38.06
C ALA B 121 6.54 -5.66 37.81
N VAL B 122 6.42 -4.34 37.92
CA VAL B 122 5.13 -3.67 37.75
C VAL B 122 5.26 -2.56 36.77
N ALA B 123 4.39 -2.57 35.77
CA ALA B 123 4.28 -1.48 34.84
C ALA B 123 3.39 -0.41 35.42
N VAL B 124 3.91 0.82 35.50
CA VAL B 124 3.13 1.96 35.96
C VAL B 124 2.73 2.73 34.73
N LEU B 125 1.42 2.93 34.56
CA LEU B 125 0.89 3.72 33.45
C LEU B 125 0.58 5.13 33.94
N LYS B 126 1.03 6.12 33.17
CA LYS B 126 0.72 7.54 33.47
C LYS B 126 0.10 8.19 32.25
N TYR B 127 -0.89 9.04 32.52
CA TYR B 127 -1.55 9.86 31.49
C TYR B 127 -1.45 11.27 31.99
N ASN B 128 -0.85 12.13 31.19
CA ASN B 128 -0.52 13.49 31.64
C ASN B 128 0.28 13.50 32.96
N GLY B 129 1.18 12.53 33.11
CA GLY B 129 2.02 12.45 34.32
C GLY B 129 1.42 11.97 35.61
N ILE B 130 0.12 11.63 35.59
CA ILE B 130 -0.62 11.12 36.72
C ILE B 130 -0.78 9.59 36.56
N ILE B 131 -0.53 8.83 37.60
CA ILE B 131 -0.70 7.40 37.54
C ILE B 131 -2.17 7.09 37.28
N THR B 132 -2.39 6.29 36.25
CA THR B 132 -3.74 5.89 35.85
C THR B 132 -4.00 4.37 35.89
N ASP B 133 -2.95 3.55 35.89
CA ASP B 133 -3.11 2.14 36.03
C ASP B 133 -1.77 1.53 36.36
N THR B 134 -1.84 0.29 36.82
CA THR B 134 -0.67 -0.58 36.92
C THR B 134 -1.00 -2.00 36.37
N ILE B 135 0.01 -2.73 35.90
CA ILE B 135 -0.16 -4.15 35.63
C ILE B 135 1.09 -4.88 36.10
N LYS B 136 0.90 -5.94 36.90
CA LYS B 136 1.98 -6.73 37.45
C LYS B 136 2.34 -7.93 36.59
N SER B 137 3.60 -8.36 36.70
CA SER B 137 4.11 -9.53 36.00
C SER B 137 3.14 -10.72 36.22
N TRP B 138 2.81 -11.42 35.14
CA TRP B 138 1.92 -12.55 35.19
C TRP B 138 2.67 -13.89 35.04
N ARG B 139 3.93 -13.84 34.62
CA ARG B 139 4.79 -15.04 34.56
C ARG B 139 5.99 -14.94 35.48
N ASN B 140 6.12 -13.85 36.26
CA ASN B 140 7.25 -13.63 37.18
C ASN B 140 8.65 -13.74 36.58
N ASN B 141 8.81 -13.33 35.33
CA ASN B 141 10.11 -13.49 34.64
C ASN B 141 10.32 -12.29 33.71
N ILE B 142 10.60 -11.16 34.34
CA ILE B 142 11.02 -9.91 33.66
C ILE B 142 9.94 -9.37 32.72
N LEU B 143 8.83 -8.98 33.32
CA LEU B 143 7.82 -8.17 32.59
C LEU B 143 8.52 -7.04 31.88
N ARG B 144 8.20 -6.87 30.60
CA ARG B 144 8.93 -5.97 29.76
C ARG B 144 8.16 -5.56 28.53
N THR B 145 8.58 -4.45 27.91
CA THR B 145 7.80 -3.91 26.81
C THR B 145 8.65 -3.37 25.66
N GLN B 146 8.05 -2.51 24.84
CA GLN B 146 8.55 -2.21 23.51
C GLN B 146 9.91 -1.54 23.43
N GLU B 147 10.20 -0.60 24.36
CA GLU B 147 11.37 0.29 24.20
C GLU B 147 11.21 1.14 22.95
N SER B 148 9.97 1.37 22.52
CA SER B 148 9.68 2.34 21.46
C SER B 148 8.22 2.81 21.66
N GLU B 149 7.79 3.69 20.79
CA GLU B 149 6.43 4.27 20.97
C GLU B 149 5.30 3.25 20.85
N CYS B 150 4.33 3.37 21.75
CA CYS B 150 3.07 2.69 21.56
C CYS B 150 2.30 3.39 20.43
N ALA B 151 1.14 2.87 20.03
CA ALA B 151 0.46 3.33 18.84
C ALA B 151 -0.98 3.69 19.14
N CYS B 152 -1.47 4.80 18.59
CA CYS B 152 -2.80 5.28 18.95
C CYS B 152 -3.68 5.49 17.74
N VAL B 153 -4.93 5.14 17.92
CA VAL B 153 -5.99 5.25 16.90
C VAL B 153 -7.26 5.65 17.67
N ASN B 154 -7.78 6.81 17.30
CA ASN B 154 -9.12 7.28 17.76
C ASN B 154 -9.33 7.16 19.24
N GLY B 155 -8.40 7.65 20.03
CA GLY B 155 -8.55 7.65 21.45
C GLY B 155 -8.09 6.45 22.24
N SER B 156 -7.69 5.39 21.57
CA SER B 156 -7.15 4.22 22.21
C SER B 156 -5.68 4.07 21.79
N CYS B 157 -4.86 3.61 22.72
CA CYS B 157 -3.45 3.37 22.42
C CYS B 157 -3.16 1.92 22.75
N PHE B 158 -2.19 1.39 22.00
CA PHE B 158 -1.91 -0.02 22.02
C PHE B 158 -0.42 -0.34 22.23
N THR B 159 -0.18 -1.38 23.02
CA THR B 159 1.17 -1.86 23.20
C THR B 159 1.20 -3.38 23.34
N VAL B 160 2.42 -3.90 23.40
CA VAL B 160 2.72 -5.33 23.57
C VAL B 160 3.68 -5.43 24.74
N MET B 161 3.36 -6.33 25.67
CA MET B 161 4.33 -6.72 26.70
C MET B 161 4.61 -8.25 26.69
N THR B 162 5.82 -8.62 27.10
CA THR B 162 6.26 -10.01 27.17
C THR B 162 6.68 -10.32 28.60
N ASP B 163 6.54 -11.58 28.98
CA ASP B 163 6.87 -12.04 30.32
C ASP B 163 7.18 -13.55 30.16
N GLY B 164 8.31 -13.97 30.72
CA GLY B 164 8.89 -15.29 30.38
C GLY B 164 10.31 -15.26 29.86
N PRO B 165 10.80 -16.43 29.40
CA PRO B 165 12.19 -16.52 28.96
C PRO B 165 12.49 -15.67 27.73
N SER B 166 13.77 -15.25 27.63
CA SER B 166 14.27 -14.62 26.41
C SER B 166 14.99 -15.56 25.49
N ASN B 167 15.06 -16.83 25.89
CA ASN B 167 15.73 -17.89 25.07
C ASN B 167 14.81 -19.12 24.80
N GLY B 168 13.50 -18.94 24.87
CA GLY B 168 12.54 -20.05 24.80
C GLY B 168 11.12 -19.49 24.72
N GLN B 169 10.14 -20.37 24.61
CA GLN B 169 8.74 -19.94 24.53
C GLN B 169 8.40 -19.00 25.69
N ALA B 170 7.74 -17.87 25.40
CA ALA B 170 7.36 -16.93 26.47
C ALA B 170 5.89 -16.57 26.27
N SER B 171 5.38 -15.61 27.04
CA SER B 171 3.99 -15.14 26.98
C SER B 171 3.94 -13.70 26.49
N TYR B 172 3.12 -13.47 25.44
CA TYR B 172 2.97 -12.17 24.84
C TYR B 172 1.52 -11.69 24.96
N LYS B 173 1.34 -10.46 25.45
CA LYS B 173 0.03 -9.84 25.57
C LYS B 173 -0.05 -8.53 24.83
N ILE B 174 -1.23 -8.28 24.27
CA ILE B 174 -1.55 -7.02 23.60
C ILE B 174 -2.53 -6.31 24.54
N PHE B 175 -2.40 -4.98 24.62
CA PHE B 175 -3.21 -4.13 25.49
C PHE B 175 -3.84 -2.98 24.71
N ARG B 176 -5.07 -2.65 25.07
CA ARG B 176 -5.74 -1.45 24.63
C ARG B 176 -5.92 -0.55 25.85
N ILE B 177 -5.45 0.68 25.71
CA ILE B 177 -5.37 1.64 26.81
C ILE B 177 -6.11 2.91 26.39
N GLU B 178 -6.92 3.46 27.30
CA GLU B 178 -7.73 4.65 27.05
C GLU B 178 -7.57 5.61 28.20
N LYS B 179 -7.06 6.80 27.96
CA LYS B 179 -6.70 7.73 29.05
C LYS B 179 -5.82 7.05 30.13
N GLY B 180 -4.87 6.24 29.65
CA GLY B 180 -3.94 5.56 30.55
C GLY B 180 -4.53 4.46 31.39
N LYS B 181 -5.75 4.02 31.05
CA LYS B 181 -6.41 2.92 31.72
C LYS B 181 -6.49 1.72 30.77
N ILE B 182 -6.00 0.57 31.22
CA ILE B 182 -6.08 -0.65 30.42
C ILE B 182 -7.56 -1.04 30.38
N VAL B 183 -8.12 -1.09 29.18
CA VAL B 183 -9.52 -1.41 29.00
C VAL B 183 -9.69 -2.83 28.46
N LYS B 184 -8.72 -3.35 27.74
CA LYS B 184 -8.76 -4.73 27.28
C LYS B 184 -7.35 -5.23 27.11
N SER B 185 -7.17 -6.52 27.35
CA SER B 185 -5.96 -7.21 26.95
C SER B 185 -6.27 -8.62 26.47
N VAL B 186 -5.43 -9.14 25.59
CA VAL B 186 -5.51 -10.52 25.14
C VAL B 186 -4.14 -11.13 25.14
N GLU B 187 -4.09 -12.44 25.43
CA GLU B 187 -2.85 -13.18 25.30
C GLU B 187 -2.74 -13.80 23.93
N MET B 188 -1.59 -13.58 23.28
CA MET B 188 -1.41 -14.08 21.94
C MET B 188 -1.16 -15.58 21.99
N ASN B 189 -1.88 -16.33 21.13
CA ASN B 189 -1.67 -17.78 20.97
C ASN B 189 -0.63 -17.94 19.91
N ALA B 190 0.63 -18.00 20.33
CA ALA B 190 1.73 -17.98 19.36
C ALA B 190 2.78 -19.05 19.66
N PRO B 191 2.36 -20.35 19.63
CA PRO B 191 3.33 -21.44 19.90
C PRO B 191 4.47 -21.40 18.89
N ASN B 192 5.68 -21.54 19.40
CA ASN B 192 6.89 -21.52 18.59
C ASN B 192 7.27 -20.10 18.04
N TYR B 193 6.53 -19.06 18.45
CA TYR B 193 6.86 -17.68 18.08
C TYR B 193 7.57 -17.09 19.30
N HIS B 194 8.40 -16.08 19.03
CA HIS B 194 9.04 -15.27 20.12
C HIS B 194 8.96 -13.77 19.78
N TYR B 195 8.34 -13.02 20.68
CA TYR B 195 8.09 -11.58 20.53
C TYR B 195 8.80 -10.79 21.68
N GLU B 196 9.74 -9.95 21.29
CA GLU B 196 10.37 -8.98 22.17
C GLU B 196 10.38 -7.59 21.53
N GLU B 197 10.27 -6.56 22.36
CA GLU B 197 10.66 -5.19 21.95
C GLU B 197 10.01 -4.80 20.64
N CYS B 198 8.69 -4.95 20.62
CA CYS B 198 7.95 -4.64 19.37
C CYS B 198 8.06 -3.15 18.95
N SER B 199 8.20 -2.95 17.65
CA SER B 199 8.01 -1.65 17.01
C SER B 199 6.62 -1.62 16.36
N CYS B 200 5.72 -0.84 16.95
CA CYS B 200 4.32 -0.83 16.53
C CYS B 200 3.94 0.54 15.97
N TYR B 201 3.25 0.52 14.82
CA TYR B 201 2.73 1.74 14.25
C TYR B 201 1.26 1.56 13.81
N PRO B 202 0.53 2.66 13.74
CA PRO B 202 -0.84 2.63 13.25
C PRO B 202 -0.90 2.78 11.75
N ASP B 203 -1.92 2.16 11.14
CA ASP B 203 -2.07 2.16 9.66
C ASP B 203 -3.52 1.78 9.40
N SER B 204 -4.29 2.72 8.85
CA SER B 204 -5.67 2.47 8.43
C SER B 204 -6.48 1.86 9.57
N SER B 205 -6.40 2.49 10.74
CA SER B 205 -7.15 2.12 11.98
C SER B 205 -6.76 0.82 12.65
N GLU B 206 -5.65 0.19 12.22
CA GLU B 206 -5.18 -1.04 12.83
C GLU B 206 -3.70 -0.82 13.18
N ILE B 207 -3.18 -1.71 14.00
CA ILE B 207 -1.83 -1.63 14.49
C ILE B 207 -0.99 -2.78 13.89
N THR B 208 0.20 -2.43 13.40
CA THR B 208 1.17 -3.43 12.93
C THR B 208 2.42 -3.33 13.76
N CYS B 209 2.88 -4.47 14.33
CA CYS B 209 4.07 -4.55 15.15
C CYS B 209 5.08 -5.48 14.51
N VAL B 210 6.33 -5.04 14.43
CA VAL B 210 7.45 -5.87 13.93
C VAL B 210 8.44 -5.92 15.06
N CYS B 211 8.84 -7.13 15.43
CA CYS B 211 9.43 -7.42 16.76
C CYS B 211 10.76 -8.20 16.63
N ARG B 212 11.25 -8.69 17.74
CA ARG B 212 12.53 -9.38 17.86
C ARG B 212 12.27 -10.78 18.43
N ASP B 213 12.64 -11.80 17.63
CA ASP B 213 12.63 -13.18 18.07
C ASP B 213 14.05 -13.40 18.64
N ASN B 214 14.14 -13.47 19.94
CA ASN B 214 15.39 -13.71 20.63
C ASN B 214 15.67 -15.21 20.81
N TRP B 215 14.70 -16.07 20.46
CA TRP B 215 14.73 -17.50 20.77
C TRP B 215 15.34 -18.25 19.58
N HIS B 216 14.73 -18.15 18.41
CA HIS B 216 15.17 -18.95 17.27
C HIS B 216 14.76 -18.42 15.93
N GLY B 217 14.88 -17.10 15.75
CA GLY B 217 14.52 -16.51 14.48
C GLY B 217 15.44 -15.39 14.12
N SER B 218 15.99 -15.46 12.92
CA SER B 218 16.85 -14.38 12.38
C SER B 218 16.13 -13.48 11.38
N ASN B 219 14.87 -13.84 11.10
CA ASN B 219 13.89 -12.94 10.53
C ASN B 219 13.01 -12.43 11.66
N ARG B 220 12.26 -11.38 11.38
CA ARG B 220 11.48 -10.72 12.43
C ARG B 220 10.03 -11.19 12.48
N PRO B 221 9.54 -11.54 13.65
CA PRO B 221 8.11 -11.77 13.85
C PRO B 221 7.30 -10.47 13.79
N TRP B 222 6.02 -10.61 13.44
CA TRP B 222 5.09 -9.53 13.41
C TRP B 222 3.78 -9.97 13.97
N VAL B 223 3.04 -9.00 14.48
CA VAL B 223 1.67 -9.20 14.94
C VAL B 223 0.91 -7.94 14.52
N SER B 224 -0.28 -8.12 13.96
CA SER B 224 -1.14 -7.01 13.61
C SER B 224 -2.48 -7.26 14.21
N PHE B 225 -3.20 -6.20 14.56
CA PHE B 225 -4.47 -6.29 15.28
C PHE B 225 -5.30 -5.04 15.10
N ASN B 226 -6.62 -5.23 15.27
CA ASN B 226 -7.60 -4.17 15.18
C ASN B 226 -7.86 -3.66 16.58
N GLN B 227 -8.72 -2.63 16.67
CA GLN B 227 -9.06 -2.03 17.96
C GLN B 227 -9.69 -3.01 18.96
N ASN B 228 -10.36 -4.06 18.48
CA ASN B 228 -10.92 -5.09 19.39
C ASN B 228 -9.92 -6.16 19.84
N LEU B 229 -8.66 -6.01 19.45
CA LEU B 229 -7.60 -6.95 19.79
C LEU B 229 -7.75 -8.32 19.12
N GLU B 230 -8.38 -8.33 17.96
CA GLU B 230 -8.38 -9.48 17.08
C GLU B 230 -7.08 -9.38 16.27
N TYR B 231 -6.25 -10.42 16.33
CA TYR B 231 -4.90 -10.34 15.78
C TYR B 231 -4.55 -11.42 14.76
N GLN B 232 -3.48 -11.19 14.00
CA GLN B 232 -2.87 -12.12 13.08
C GLN B 232 -1.40 -12.05 13.37
N ILE B 233 -0.70 -13.14 13.08
CA ILE B 233 0.71 -13.32 13.43
C ILE B 233 1.43 -13.97 12.27
N GLY B 234 2.74 -13.74 12.23
CA GLY B 234 3.58 -14.27 11.14
C GLY B 234 5.02 -13.81 11.33
N TYR B 235 5.86 -14.16 10.36
CA TYR B 235 7.23 -13.68 10.27
C TYR B 235 7.44 -13.08 8.89
N ILE B 236 8.31 -12.08 8.83
CA ILE B 236 8.64 -11.48 7.57
C ILE B 236 9.35 -12.58 6.70
N CYS B 237 8.85 -12.76 5.49
CA CYS B 237 9.25 -13.92 4.69
C CYS B 237 10.53 -13.67 3.92
N SER B 238 10.88 -12.40 3.75
CA SER B 238 12.00 -11.99 2.88
C SER B 238 13.27 -12.75 3.23
N GLY B 239 13.97 -13.17 2.20
CA GLY B 239 15.35 -13.70 2.34
C GLY B 239 16.40 -12.66 2.70
N ILE B 240 16.00 -11.35 2.67
CA ILE B 240 16.75 -10.23 3.21
C ILE B 240 16.48 -10.23 4.71
N PHE B 241 17.27 -10.99 5.47
CA PHE B 241 16.97 -11.26 6.87
C PHE B 241 17.17 -10.00 7.73
N GLY B 242 16.33 -9.85 8.74
CA GLY B 242 16.15 -8.56 9.43
C GLY B 242 16.85 -8.42 10.78
N ASP B 243 17.13 -9.54 11.42
CA ASP B 243 17.65 -9.50 12.76
C ASP B 243 19.19 -9.40 12.75
N ASN B 244 19.75 -9.32 13.95
CA ASN B 244 21.18 -9.31 14.17
C ASN B 244 21.36 -10.03 15.49
N PRO B 245 22.03 -11.21 15.51
CA PRO B 245 22.68 -11.87 14.37
C PRO B 245 21.70 -12.49 13.38
N ARG B 246 22.28 -12.87 12.25
CA ARG B 246 21.56 -13.50 11.17
C ARG B 246 22.55 -14.19 10.19
N PRO B 247 22.04 -14.99 9.24
CA PRO B 247 22.88 -15.55 8.19
C PRO B 247 23.00 -14.59 7.07
N ASN B 248 23.86 -14.91 6.11
CA ASN B 248 23.88 -14.13 4.88
C ASN B 248 22.52 -14.27 4.21
N ASP B 249 22.19 -13.33 3.35
CA ASP B 249 20.90 -13.35 2.68
C ASP B 249 20.81 -14.57 1.74
N LYS B 250 19.65 -15.23 1.74
CA LYS B 250 19.38 -16.40 0.90
C LYS B 250 17.86 -16.55 0.83
N THR B 251 17.35 -17.71 0.43
CA THR B 251 15.91 -17.94 0.50
C THR B 251 15.40 -17.90 1.95
N GLY B 252 14.37 -17.08 2.16
CA GLY B 252 13.78 -16.90 3.48
C GLY B 252 12.68 -17.87 3.83
N SER B 253 12.07 -17.64 4.97
CA SER B 253 10.98 -18.43 5.50
C SER B 253 9.90 -17.52 6.10
N CYS B 254 8.65 -17.95 5.92
CA CYS B 254 7.46 -17.34 6.55
C CYS B 254 7.26 -17.80 7.98
N GLY B 255 8.11 -18.75 8.44
CA GLY B 255 8.26 -19.12 9.86
C GLY B 255 9.62 -18.64 10.40
N PRO B 256 9.93 -18.94 11.65
CA PRO B 256 11.23 -18.46 12.23
C PRO B 256 12.46 -19.09 11.51
N VAL B 257 13.40 -18.27 11.04
CA VAL B 257 14.63 -18.78 10.40
C VAL B 257 15.60 -19.17 11.52
N SER B 258 15.82 -20.47 11.73
CA SER B 258 16.57 -20.95 12.88
C SER B 258 18.08 -20.64 12.78
N SER B 259 18.62 -20.61 11.58
CA SER B 259 20.04 -20.31 11.42
C SER B 259 20.39 -18.93 12.04
N ASN B 260 21.28 -18.93 13.04
CA ASN B 260 21.70 -17.70 13.75
C ASN B 260 20.52 -17.00 14.47
N GLY B 261 19.53 -17.80 14.88
CA GLY B 261 18.23 -17.28 15.34
C GLY B 261 18.27 -16.79 16.77
N ALA B 262 19.09 -17.41 17.60
CA ALA B 262 19.12 -17.06 19.00
C ALA B 262 19.71 -15.66 19.13
N ASN B 263 19.36 -14.96 20.21
CA ASN B 263 19.74 -13.53 20.39
C ASN B 263 19.04 -12.69 19.30
N GLY B 264 19.38 -11.41 19.25
CA GLY B 264 18.70 -10.49 18.35
C GLY B 264 19.06 -9.05 18.68
N VAL B 265 18.37 -8.15 18.01
CA VAL B 265 18.41 -6.74 18.35
C VAL B 265 17.02 -6.18 18.09
N LYS B 266 16.63 -5.16 18.87
CA LYS B 266 15.34 -4.50 18.59
C LYS B 266 15.47 -3.88 17.24
N GLY B 267 14.41 -4.00 16.46
CA GLY B 267 14.30 -3.43 15.15
C GLY B 267 12.85 -3.16 14.73
N PHE B 268 12.70 -2.82 13.45
CA PHE B 268 11.42 -2.44 12.88
C PHE B 268 11.44 -2.78 11.39
N SER B 269 10.23 -2.74 10.81
CA SER B 269 10.04 -2.69 9.37
C SER B 269 8.66 -2.12 9.05
N PHE B 270 8.47 -1.58 7.84
CA PHE B 270 7.15 -1.02 7.42
C PHE B 270 6.60 -1.87 6.27
N LYS B 271 5.39 -2.40 6.46
CA LYS B 271 4.61 -3.12 5.43
C LYS B 271 3.90 -2.17 4.48
N TYR B 272 4.16 -2.36 3.17
CA TYR B 272 3.46 -1.69 2.09
C TYR B 272 2.94 -2.73 1.09
N GLY B 273 1.71 -3.20 1.29
CA GLY B 273 1.19 -4.30 0.48
C GLY B 273 2.00 -5.55 0.75
N ASN B 274 2.53 -6.13 -0.32
CA ASN B 274 3.38 -7.29 -0.22
C ASN B 274 4.85 -6.87 -0.11
N GLY B 275 5.13 -5.56 -0.26
CA GLY B 275 6.45 -5.01 -0.07
C GLY B 275 6.80 -4.75 1.40
N VAL B 276 8.10 -4.59 1.67
CA VAL B 276 8.57 -4.23 3.02
C VAL B 276 9.79 -3.33 2.96
N TRP B 277 9.79 -2.31 3.85
CA TRP B 277 10.99 -1.52 4.10
C TRP B 277 11.62 -2.09 5.35
N ILE B 278 12.83 -2.62 5.21
CA ILE B 278 13.54 -3.31 6.29
C ILE B 278 14.69 -2.40 6.70
N GLY B 279 14.75 -2.09 8.01
CA GLY B 279 15.92 -1.45 8.58
C GLY B 279 16.70 -2.54 9.26
N ARG B 280 18.01 -2.58 9.01
CA ARG B 280 18.86 -3.59 9.67
C ARG B 280 20.29 -3.10 9.81
N THR B 281 21.01 -3.78 10.66
CA THR B 281 22.47 -3.64 10.71
C THR B 281 23.10 -4.01 9.37
N LYS B 282 24.29 -3.50 9.12
CA LYS B 282 25.04 -3.91 7.93
C LYS B 282 25.76 -5.25 8.17
N SER B 283 26.30 -5.44 9.38
CA SER B 283 26.98 -6.66 9.77
C SER B 283 25.97 -7.73 10.11
N ILE B 284 26.24 -8.97 9.69
CA ILE B 284 25.33 -10.06 10.00
C ILE B 284 25.54 -10.61 11.42
N SER B 285 26.70 -10.35 12.04
CA SER B 285 27.01 -10.96 13.34
C SER B 285 27.11 -9.95 14.50
N SER B 286 27.20 -8.68 14.19
CA SER B 286 27.45 -7.68 15.21
C SER B 286 26.59 -6.44 14.89
N ARG B 287 26.39 -5.62 15.92
CA ARG B 287 25.63 -4.38 15.81
C ARG B 287 26.50 -3.27 15.22
N ASN B 288 26.76 -3.38 13.92
CA ASN B 288 27.58 -2.45 13.16
C ASN B 288 26.84 -2.04 11.90
N GLY B 289 26.82 -0.77 11.62
CA GLY B 289 26.22 -0.22 10.40
C GLY B 289 24.70 -0.30 10.47
N PHE B 290 24.11 0.36 9.50
CA PHE B 290 22.67 0.37 9.36
C PHE B 290 22.31 0.72 7.93
N GLU B 291 21.20 0.15 7.46
CA GLU B 291 20.77 0.38 6.09
C GLU B 291 19.27 0.13 6.02
N MET B 292 18.65 0.82 5.07
CA MET B 292 17.25 0.61 4.74
C MET B 292 17.19 -0.10 3.37
N ILE B 293 16.42 -1.16 3.34
CA ILE B 293 16.22 -1.93 2.13
C ILE B 293 14.75 -2.05 1.81
N TRP B 294 14.40 -1.70 0.57
CA TRP B 294 13.04 -1.93 0.03
C TRP B 294 13.06 -3.22 -0.80
N ASP B 295 12.29 -4.19 -0.33
CA ASP B 295 12.00 -5.44 -1.03
C ASP B 295 10.49 -5.48 -1.42
N PRO B 296 10.15 -5.10 -2.67
CA PRO B 296 8.74 -5.01 -3.11
C PRO B 296 7.88 -6.26 -2.96
N ASN B 297 8.46 -7.43 -2.69
CA ASN B 297 7.72 -8.68 -2.45
C ASN B 297 8.03 -9.33 -1.15
N GLY B 298 8.78 -8.67 -0.30
CA GLY B 298 9.32 -9.32 0.88
C GLY B 298 8.46 -9.57 2.07
N TRP B 299 7.23 -9.06 2.11
CA TRP B 299 6.40 -9.31 3.27
C TRP B 299 6.02 -10.78 3.29
N THR B 300 5.52 -11.30 2.15
CA THR B 300 5.19 -12.73 2.02
C THR B 300 6.07 -13.51 1.04
N GLY B 301 6.90 -12.86 0.23
CA GLY B 301 7.81 -13.59 -0.65
C GLY B 301 9.12 -13.95 0.06
N THR B 302 9.79 -15.00 -0.42
CA THR B 302 10.96 -15.55 0.26
C THR B 302 12.24 -15.36 -0.53
N ASP B 303 12.20 -14.73 -1.70
CA ASP B 303 13.44 -14.48 -2.43
C ASP B 303 14.37 -13.51 -1.73
N ASN B 304 15.69 -13.65 -1.92
CA ASN B 304 16.62 -12.60 -1.50
C ASN B 304 16.84 -11.65 -2.65
N ASN B 305 15.84 -10.84 -2.86
CA ASN B 305 15.88 -9.80 -3.84
C ASN B 305 15.49 -8.48 -3.14
N PHE B 306 16.00 -7.36 -3.65
CA PHE B 306 15.51 -6.06 -3.19
C PHE B 306 15.71 -5.11 -4.31
N SER B 307 14.98 -4.00 -4.29
CA SER B 307 15.11 -2.98 -5.34
C SER B 307 15.93 -1.77 -4.95
N ILE B 308 15.89 -1.40 -3.68
CA ILE B 308 16.55 -0.19 -3.22
C ILE B 308 17.24 -0.52 -1.93
N LYS B 309 18.44 0.03 -1.78
CA LYS B 309 19.23 0.01 -0.53
C LYS B 309 19.73 1.41 -0.29
N GLN B 310 19.52 1.91 0.92
CA GLN B 310 20.01 3.25 1.29
C GLN B 310 20.86 3.11 2.56
N ASP B 311 22.12 3.50 2.44
CA ASP B 311 23.06 3.47 3.56
C ASP B 311 22.69 4.56 4.59
N ILE B 312 22.79 4.17 5.86
CA ILE B 312 22.47 5.01 7.05
C ILE B 312 23.69 5.17 8.02
N VAL B 313 24.30 4.06 8.43
CA VAL B 313 25.51 4.04 9.20
C VAL B 313 26.46 3.02 8.50
N GLY B 314 27.72 3.40 8.35
CA GLY B 314 28.74 2.53 7.71
C GLY B 314 29.05 1.30 8.52
N ILE B 315 29.46 0.24 7.81
CA ILE B 315 29.64 -1.06 8.44
C ILE B 315 30.72 -1.10 9.50
N ASN B 316 31.70 -0.22 9.38
CA ASN B 316 32.77 -0.16 10.40
C ASN B 316 32.38 0.73 11.64
N GLU B 317 31.11 1.12 11.77
CA GLU B 317 30.65 2.04 12.85
C GLU B 317 29.58 1.34 13.66
N TRP B 318 29.52 1.66 14.96
CA TRP B 318 28.60 0.96 15.89
C TRP B 318 27.18 1.48 15.66
N SER B 319 26.21 0.56 15.72
CA SER B 319 24.77 0.89 15.64
C SER B 319 24.19 0.28 16.93
N GLY B 320 23.01 -0.29 16.86
CA GLY B 320 22.37 -0.77 18.05
C GLY B 320 20.90 -0.86 17.71
N TYR B 321 20.07 -0.59 18.69
CA TYR B 321 18.61 -0.64 18.52
C TYR B 321 18.09 0.28 17.43
N SER B 322 16.93 -0.08 16.89
CA SER B 322 16.19 0.80 15.97
C SER B 322 14.73 0.60 16.19
N GLY B 323 13.95 1.61 15.84
CA GLY B 323 12.51 1.52 16.04
C GLY B 323 11.78 2.51 15.15
N SER B 324 10.51 2.22 14.92
CA SER B 324 9.66 3.10 14.15
C SER B 324 9.15 4.24 15.03
N PHE B 325 8.90 5.37 14.40
CA PHE B 325 7.94 6.36 14.94
C PHE B 325 7.20 6.98 13.79
N VAL B 326 5.96 7.40 14.05
CA VAL B 326 5.15 8.03 13.03
C VAL B 326 4.84 9.51 13.31
N GLN B 327 4.51 10.24 12.25
CA GLN B 327 3.96 11.58 12.36
C GLN B 327 2.61 11.51 11.70
N HIS B 328 1.59 11.74 12.52
CA HIS B 328 0.21 11.68 12.05
C HIS B 328 -0.12 12.98 11.28
N PRO B 329 -1.14 12.92 10.41
CA PRO B 329 -1.66 14.12 9.73
C PRO B 329 -1.94 15.31 10.64
N GLU B 330 -2.36 15.05 11.88
CA GLU B 330 -2.70 16.12 12.84
C GLU B 330 -1.47 16.98 13.17
N LEU B 331 -0.28 16.39 13.09
CA LEU B 331 0.95 17.08 13.28
C LEU B 331 1.49 17.65 11.94
N THR B 332 1.39 16.91 10.84
CA THR B 332 2.08 17.32 9.59
C THR B 332 1.24 18.15 8.64
N GLY B 333 -0.08 18.02 8.72
CA GLY B 333 -0.96 18.62 7.71
C GLY B 333 -1.06 17.74 6.48
N LEU B 334 -0.35 16.59 6.42
CA LEU B 334 -0.47 15.64 5.32
C LEU B 334 -1.80 14.90 5.43
N ASP B 335 -2.12 14.07 4.44
CA ASP B 335 -3.32 13.23 4.49
C ASP B 335 -3.01 11.76 4.74
N CYS B 336 -1.80 11.46 5.23
CA CYS B 336 -1.37 10.09 5.45
C CYS B 336 -0.47 10.09 6.68
N ILE B 337 -0.29 8.91 7.27
CA ILE B 337 0.64 8.69 8.36
C ILE B 337 2.08 8.58 7.87
N ARG B 338 2.92 9.51 8.29
CA ARG B 338 4.30 9.50 7.80
C ARG B 338 5.16 8.52 8.61
N PRO B 339 5.80 7.55 7.96
CA PRO B 339 6.73 6.67 8.67
C PRO B 339 8.11 7.33 8.86
N CYS B 340 8.65 7.19 10.06
CA CYS B 340 10.01 7.62 10.40
C CYS B 340 10.67 6.49 11.17
N PHE B 341 11.98 6.58 11.38
CA PHE B 341 12.66 5.67 12.26
C PHE B 341 13.83 6.32 12.96
N TRP B 342 14.25 5.66 14.02
CA TRP B 342 15.44 6.10 14.80
C TRP B 342 16.40 4.95 14.94
N VAL B 343 17.68 5.28 15.11
CA VAL B 343 18.72 4.28 15.38
C VAL B 343 19.50 4.72 16.62
N GLU B 344 19.66 3.80 17.56
CA GLU B 344 20.52 3.95 18.68
C GLU B 344 21.95 3.56 18.30
N LEU B 345 22.92 4.41 18.64
CA LEU B 345 24.35 4.14 18.35
C LEU B 345 25.05 3.90 19.67
N ILE B 346 25.26 2.62 19.99
CA ILE B 346 25.68 2.18 21.29
C ILE B 346 27.21 2.30 21.37
N ARG B 347 27.67 2.87 22.46
CA ARG B 347 29.09 3.00 22.73
C ARG B 347 29.41 2.39 24.07
N GLY B 348 30.65 1.96 24.23
CA GLY B 348 31.11 1.36 25.46
C GLY B 348 31.02 -0.15 25.44
N ARG B 349 30.67 -0.72 26.59
CA ARG B 349 30.56 -2.16 26.72
C ARG B 349 29.39 -2.71 25.90
N PRO B 350 29.54 -3.94 25.39
CA PRO B 350 30.69 -4.81 25.65
C PRO B 350 31.74 -4.80 24.55
N LYS B 351 31.54 -4.01 23.50
CA LYS B 351 32.49 -4.00 22.38
C LYS B 351 33.72 -3.14 22.59
N GLU B 352 33.65 -2.20 23.54
CA GLU B 352 34.73 -1.24 23.73
C GLU B 352 35.21 -1.28 25.17
N ASN B 353 36.47 -0.94 25.35
CA ASN B 353 37.06 -1.08 26.68
C ASN B 353 36.79 0.16 27.56
N THR B 354 35.57 0.19 28.10
CA THR B 354 35.12 1.25 28.98
C THR B 354 34.49 0.64 30.21
N ILE B 355 34.24 1.47 31.22
CA ILE B 355 33.49 1.00 32.39
C ILE B 355 31.98 1.13 32.21
N TRP B 356 31.57 1.73 31.10
CA TRP B 356 30.20 2.21 30.87
C TRP B 356 29.67 1.82 29.50
N THR B 357 28.35 1.88 29.39
CA THR B 357 27.64 1.73 28.15
C THR B 357 26.64 2.87 28.03
N SER B 358 26.62 3.51 26.86
CA SER B 358 25.62 4.54 26.58
C SER B 358 25.34 4.66 25.13
N GLY B 359 24.38 5.47 24.74
CA GLY B 359 24.15 5.67 23.29
C GLY B 359 23.89 7.09 22.91
N SER B 360 24.05 7.38 21.62
CA SER B 360 23.49 8.53 20.96
C SER B 360 22.44 8.06 19.93
N SER B 361 21.85 8.98 19.18
CA SER B 361 20.80 8.63 18.24
C SER B 361 20.83 9.47 16.97
N ILE B 362 20.20 8.91 15.95
CA ILE B 362 19.92 9.54 14.71
C ILE B 362 18.49 9.13 14.31
N SER B 363 17.86 9.95 13.49
CA SER B 363 16.53 9.62 13.01
C SER B 363 16.34 10.16 11.61
N PHE B 364 15.36 9.56 10.92
CA PHE B 364 15.07 9.81 9.53
C PHE B 364 13.57 9.72 9.34
N CYS B 365 13.04 10.47 8.39
CA CYS B 365 11.62 10.34 8.00
C CYS B 365 11.53 9.98 6.52
N GLY B 366 10.56 9.14 6.22
CA GLY B 366 10.24 8.78 4.84
C GLY B 366 9.66 9.93 4.04
N VAL B 367 10.20 10.12 2.83
CA VAL B 367 9.74 11.17 1.91
C VAL B 367 9.58 10.60 0.49
N ASN B 368 8.82 11.32 -0.36
CA ASN B 368 8.73 10.91 -1.79
C ASN B 368 9.54 11.85 -2.63
N SER B 369 10.65 12.34 -2.12
CA SER B 369 11.51 13.32 -2.80
C SER B 369 12.93 12.73 -2.73
N ASP B 370 13.92 13.46 -3.22
CA ASP B 370 15.26 12.87 -3.36
C ASP B 370 15.93 12.73 -2.03
N THR B 371 16.70 11.66 -1.92
CA THR B 371 17.42 11.30 -0.69
C THR B 371 18.78 10.72 -1.09
N VAL B 372 19.67 10.52 -0.11
CA VAL B 372 20.99 10.00 -0.39
C VAL B 372 21.43 9.09 0.77
N GLY B 373 22.17 8.04 0.44
CA GLY B 373 22.84 7.21 1.45
C GLY B 373 24.12 7.91 1.94
N TRP B 374 24.42 7.70 3.21
CA TRP B 374 25.71 8.14 3.78
C TRP B 374 25.92 7.38 5.07
N SER B 375 26.80 7.88 5.93
CA SER B 375 27.04 7.32 7.23
C SER B 375 27.05 8.50 8.25
N TRP B 376 26.15 8.41 9.22
CA TRP B 376 26.04 9.39 10.33
C TRP B 376 26.23 8.64 11.64
N PRO B 377 27.49 8.25 11.96
CA PRO B 377 27.77 7.46 13.12
C PRO B 377 27.86 8.31 14.41
N ASP B 378 28.15 7.62 15.53
CA ASP B 378 28.22 8.30 16.83
C ASP B 378 29.30 9.39 16.87
N GLY B 379 30.53 9.02 16.51
CA GLY B 379 31.64 9.93 16.42
C GLY B 379 32.46 10.22 17.67
N ALA B 380 32.07 9.68 18.81
CA ALA B 380 32.87 9.83 20.03
C ALA B 380 34.16 9.02 19.94
N GLU B 381 35.20 9.54 20.58
CA GLU B 381 36.47 8.84 20.65
C GLU B 381 36.58 8.23 22.02
N LEU B 382 36.55 6.90 22.05
CA LEU B 382 36.67 6.13 23.32
C LEU B 382 38.07 5.59 23.44
N PRO B 383 38.52 5.25 24.65
CA PRO B 383 37.83 5.48 25.89
C PRO B 383 37.78 6.96 26.30
N PHE B 384 37.05 7.20 27.39
CA PHE B 384 36.92 8.54 28.01
C PHE B 384 37.83 8.65 29.21
N THR B 385 37.95 9.84 29.74
CA THR B 385 38.77 10.11 30.96
C THR B 385 38.46 9.16 32.13
N ILE B 386 37.18 8.88 32.35
CA ILE B 386 36.77 8.05 33.46
C ILE B 386 37.19 6.59 33.34
N ASP B 387 37.52 6.16 32.12
CA ASP B 387 37.90 4.77 31.88
C ASP B 387 39.35 4.48 32.23
#